data_9V4B
#
_entry.id   9V4B
#
_cell.length_a   93.802
_cell.length_b   175.267
_cell.length_c   150.991
_cell.angle_alpha   90.00
_cell.angle_beta   90.00
_cell.angle_gamma   90.00
#
_symmetry.space_group_name_H-M   'C 2 2 21'
#
loop_
_entity.id
_entity.type
_entity.pdbx_description
1 polymer 'Fructose-6-phosphate aldolase'
2 water water
#
_entity_poly.entity_id   1
_entity_poly.type   'polypeptide(L)'
_entity_poly.pdbx_seq_one_letter_code
;GGGGMKIYIDTADVNEVKTLVSYLPIAGVTTNPTIAAKSAVKMDVVLPQLREALGHDGLLFAQVISNDAAEMIEEAKRLH
GYVDNLIVKIPVNKEGLKAIKALKGTNIRTLGTAVYNATQGLLAGLAGAEFVAPYVNRIDMLSGNGIQTVQSLAKLLALH
APHCKVFGASFKNNQQVLDCLQVGCECVTIPADLAFKMLDNPAVDAAVEQFQSDWKAAYGRLDI
;
_entity_poly.pdbx_strand_id   A,B,D,C,E
#
# COMPACT_ATOMS: atom_id res chain seq x y z
N GLY A 4 -8.91 4.18 23.28
CA GLY A 4 -9.99 5.11 23.60
C GLY A 4 -9.49 6.47 24.06
N MET A 5 -8.16 6.63 24.06
CA MET A 5 -7.55 7.90 24.48
C MET A 5 -7.29 8.77 23.24
N LYS A 6 -8.40 9.27 22.69
CA LYS A 6 -8.37 9.98 21.41
C LYS A 6 -8.85 11.42 21.51
N ILE A 7 -9.91 11.69 22.27
CA ILE A 7 -10.55 13.01 22.31
C ILE A 7 -10.20 13.67 23.64
N TYR A 8 -9.47 14.78 23.56
CA TYR A 8 -9.15 15.61 24.71
C TYR A 8 -9.88 16.94 24.59
N ILE A 9 -10.11 17.56 25.74
CA ILE A 9 -10.83 18.83 25.83
C ILE A 9 -9.86 19.92 26.24
N ASP A 10 -9.87 21.03 25.50
CA ASP A 10 -8.97 22.16 25.74
C ASP A 10 -9.73 23.20 26.54
N THR A 11 -9.65 23.10 27.86
CA THR A 11 -10.36 24.02 28.73
C THR A 11 -9.78 23.96 30.13
N ALA A 12 -10.03 25.02 30.90
CA ALA A 12 -9.78 25.04 32.33
C ALA A 12 -11.08 25.11 33.13
N ASP A 13 -12.22 25.04 32.45
CA ASP A 13 -13.53 25.09 33.11
C ASP A 13 -13.86 23.71 33.66
N VAL A 14 -13.78 23.57 34.98
CA VAL A 14 -14.07 22.28 35.60
C VAL A 14 -15.51 21.86 35.34
N ASN A 15 -16.43 22.84 35.31
CA ASN A 15 -17.84 22.52 35.08
C ASN A 15 -18.05 21.99 33.66
N GLU A 16 -17.36 22.56 32.68
CA GLU A 16 -17.50 22.07 31.30
C GLU A 16 -16.96 20.66 31.16
N VAL A 17 -15.91 20.33 31.92
CA VAL A 17 -15.37 18.97 31.88
C VAL A 17 -16.38 17.99 32.48
N LYS A 18 -17.03 18.37 33.58
CA LYS A 18 -17.99 17.48 34.21
C LYS A 18 -19.19 17.22 33.31
N THR A 19 -19.61 18.23 32.55
CA THR A 19 -20.76 18.04 31.65
C THR A 19 -20.37 17.18 30.45
N LEU A 20 -19.24 17.48 29.83
CA LEU A 20 -18.83 16.75 28.62
C LEU A 20 -18.50 15.30 28.93
N VAL A 21 -17.90 15.04 30.09
CA VAL A 21 -17.50 13.66 30.42
C VAL A 21 -18.72 12.79 30.73
N SER A 22 -19.88 13.39 31.00
CA SER A 22 -21.05 12.59 31.34
C SER A 22 -21.63 11.85 30.14
N TYR A 23 -21.34 12.31 28.91
CA TYR A 23 -21.83 11.65 27.71
C TYR A 23 -20.79 11.50 26.61
N LEU A 24 -19.64 12.16 26.71
CA LEU A 24 -18.62 12.01 25.68
C LEU A 24 -17.45 11.18 26.18
N PRO A 25 -16.86 10.33 25.35
CA PRO A 25 -15.67 9.58 25.77
C PRO A 25 -14.44 10.48 25.85
N ILE A 26 -14.28 11.20 26.95
CA ILE A 26 -13.21 12.18 27.05
C ILE A 26 -11.94 11.49 27.56
N ALA A 27 -10.82 11.72 26.88
CA ALA A 27 -9.60 11.06 27.30
C ALA A 27 -8.85 11.86 28.36
N GLY A 28 -8.95 13.18 28.31
CA GLY A 28 -8.25 14.01 29.26
C GLY A 28 -8.49 15.46 28.97
N VAL A 29 -7.73 16.33 29.64
CA VAL A 29 -7.91 17.77 29.58
C VAL A 29 -6.57 18.43 29.27
N THR A 30 -6.58 19.36 28.34
CA THR A 30 -5.41 20.17 28.01
C THR A 30 -5.68 21.62 28.34
N THR A 31 -4.63 22.33 28.76
CA THR A 31 -4.70 23.75 29.05
C THR A 31 -3.55 24.47 28.35
N ASN A 32 -3.71 25.78 28.24
CA ASN A 32 -2.65 26.67 27.77
C ASN A 32 -2.74 27.97 28.57
N PRO A 33 -1.73 28.84 28.52
CA PRO A 33 -1.78 30.06 29.35
C PRO A 33 -3.02 30.91 29.11
N THR A 34 -3.47 31.05 27.87
CA THR A 34 -4.64 31.89 27.60
C THR A 34 -5.91 31.28 28.17
N ILE A 35 -6.10 29.97 27.98
CA ILE A 35 -7.31 29.32 28.49
C ILE A 35 -7.34 29.33 30.01
N ALA A 36 -6.19 29.10 30.65
CA ALA A 36 -6.14 29.11 32.10
C ALA A 36 -6.33 30.53 32.65
N ALA A 37 -5.72 31.52 32.00
CA ALA A 37 -5.80 32.88 32.50
C ALA A 37 -7.22 33.45 32.39
N LYS A 38 -8.00 32.97 31.42
CA LYS A 38 -9.38 33.43 31.29
C LYS A 38 -10.17 33.12 32.55
N SER A 39 -10.10 31.87 33.02
CA SER A 39 -10.73 31.52 34.29
C SER A 39 -9.97 32.12 35.47
N ALA A 40 -8.67 32.36 35.31
CA ALA A 40 -7.83 33.00 36.33
C ALA A 40 -7.80 32.20 37.62
N VAL A 41 -7.94 30.89 37.52
CA VAL A 41 -7.81 30.00 38.68
C VAL A 41 -6.39 29.47 38.71
N LYS A 42 -5.79 29.43 39.90
CA LYS A 42 -4.39 29.02 40.03
C LYS A 42 -4.22 27.56 39.65
N MET A 43 -3.06 27.26 39.06
CA MET A 43 -2.84 25.94 38.46
C MET A 43 -2.81 24.84 39.50
N ASP A 44 -2.19 25.09 40.65
CA ASP A 44 -2.06 24.06 41.67
C ASP A 44 -3.40 23.67 42.31
N VAL A 45 -4.47 24.40 42.01
CA VAL A 45 -5.80 24.09 42.50
C VAL A 45 -6.69 23.52 41.40
N VAL A 46 -6.65 24.12 40.21
CA VAL A 46 -7.56 23.67 39.14
C VAL A 46 -7.14 22.31 38.61
N LEU A 47 -5.84 21.99 38.64
CA LEU A 47 -5.40 20.70 38.10
C LEU A 47 -5.93 19.54 38.92
N PRO A 48 -5.88 19.55 40.27
CA PRO A 48 -6.59 18.50 41.01
C PRO A 48 -8.08 18.49 40.75
N GLN A 49 -8.69 19.66 40.51
CA GLN A 49 -10.11 19.71 40.17
C GLN A 49 -10.37 19.05 38.82
N LEU A 50 -9.49 19.28 37.85
CA LEU A 50 -9.64 18.65 36.54
C LEU A 50 -9.50 17.13 36.63
N ARG A 51 -8.54 16.66 37.43
CA ARG A 51 -8.39 15.22 37.64
C ARG A 51 -9.65 14.61 38.23
N GLU A 52 -10.25 15.28 39.21
CA GLU A 52 -11.48 14.78 39.81
C GLU A 52 -12.64 14.82 38.81
N ALA A 53 -12.80 15.96 38.11
CA ALA A 53 -13.90 16.12 37.18
C ALA A 53 -13.80 15.14 36.02
N LEU A 54 -12.58 14.75 35.64
CA LEU A 54 -12.42 13.83 34.52
C LEU A 54 -13.01 12.46 34.82
N GLY A 55 -12.90 12.02 36.07
CA GLY A 55 -13.46 10.76 36.50
C GLY A 55 -12.53 9.57 36.39
N HIS A 56 -11.48 9.67 35.57
CA HIS A 56 -10.49 8.61 35.45
C HIS A 56 -9.11 9.23 35.45
N ASP A 57 -8.08 8.38 35.32
CA ASP A 57 -6.69 8.83 35.43
C ASP A 57 -6.10 9.21 34.08
N GLY A 58 -6.87 9.90 33.24
CA GLY A 58 -6.37 10.32 31.95
C GLY A 58 -5.29 11.39 32.06
N LEU A 59 -4.63 11.63 30.93
CA LEU A 59 -3.52 12.57 30.90
C LEU A 59 -4.02 14.00 31.03
N LEU A 60 -3.26 14.83 31.75
CA LEU A 60 -3.49 16.25 31.86
C LEU A 60 -2.29 17.01 31.31
N PHE A 61 -2.54 18.17 30.73
CA PHE A 61 -1.50 18.94 30.05
C PHE A 61 -1.52 20.38 30.55
N ALA A 62 -0.33 20.88 30.90
CA ALA A 62 -0.16 22.26 31.34
C ALA A 62 1.12 22.82 30.74
N GLN A 63 1.11 24.11 30.44
CA GLN A 63 2.16 24.75 29.66
C GLN A 63 2.97 25.71 30.52
N VAL A 64 4.28 25.76 30.26
CA VAL A 64 5.17 26.72 30.91
C VAL A 64 4.91 28.10 30.33
N ILE A 65 5.47 29.13 30.96
CA ILE A 65 5.25 30.50 30.51
C ILE A 65 6.53 31.31 30.36
N SER A 66 7.62 30.94 31.04
CA SER A 66 8.83 31.74 30.97
C SER A 66 9.49 31.62 29.60
N ASN A 67 10.50 32.46 29.37
CA ASN A 67 11.23 32.48 28.11
C ASN A 67 12.55 31.73 28.16
N ASP A 68 13.21 31.70 29.31
CA ASP A 68 14.51 31.03 29.43
C ASP A 68 14.32 29.57 29.83
N ALA A 69 15.24 28.73 29.34
CA ALA A 69 15.12 27.29 29.56
C ALA A 69 15.22 26.94 31.05
N ALA A 70 16.07 27.67 31.79
CA ALA A 70 16.26 27.36 33.20
C ALA A 70 14.96 27.51 33.99
N GLU A 71 14.19 28.57 33.72
CA GLU A 71 12.93 28.76 34.41
C GLU A 71 11.83 27.85 33.87
N MET A 72 11.89 27.49 32.58
CA MET A 72 10.97 26.49 32.05
C MET A 72 11.10 25.18 32.80
N ILE A 73 12.33 24.81 33.16
CA ILE A 73 12.55 23.59 33.94
C ILE A 73 11.94 23.72 35.32
N GLU A 74 12.14 24.86 35.98
CA GLU A 74 11.54 25.07 37.30
C GLU A 74 10.02 25.03 37.24
N GLU A 75 9.44 25.63 36.20
CA GLU A 75 7.99 25.61 36.06
C GLU A 75 7.49 24.22 35.70
N ALA A 76 8.26 23.47 34.91
CA ALA A 76 7.87 22.11 34.56
C ALA A 76 7.88 21.21 35.78
N LYS A 77 8.84 21.40 36.68
CA LYS A 77 8.89 20.58 37.89
C LYS A 77 7.72 20.89 38.83
N ARG A 78 7.32 22.16 38.91
CA ARG A 78 6.19 22.52 39.77
C ARG A 78 4.88 22.01 39.18
N LEU A 79 4.67 22.21 37.87
CA LEU A 79 3.46 21.72 37.22
C LEU A 79 3.34 20.21 37.37
N HIS A 80 4.43 19.48 37.15
CA HIS A 80 4.40 18.02 37.23
C HIS A 80 4.04 17.55 38.63
N GLY A 81 4.34 18.36 39.66
CA GLY A 81 4.02 17.99 41.02
C GLY A 81 2.64 18.38 41.50
N TYR A 82 1.88 19.11 40.68
CA TYR A 82 0.54 19.53 41.09
C TYR A 82 -0.46 18.39 41.00
N VAL A 83 -0.32 17.50 40.02
CA VAL A 83 -1.20 16.34 39.86
C VAL A 83 -0.39 15.19 39.30
N ASP A 84 -0.96 14.00 39.40
CA ASP A 84 -0.38 12.82 38.78
C ASP A 84 -0.75 12.76 37.30
N ASN A 85 0.13 12.12 36.52
CA ASN A 85 -0.08 11.96 35.07
C ASN A 85 -0.29 13.30 34.38
N LEU A 86 0.66 14.20 34.57
CA LEU A 86 0.67 15.48 33.87
C LEU A 86 1.84 15.54 32.91
N ILE A 87 1.57 15.96 31.68
CA ILE A 87 2.59 16.20 30.67
C ILE A 87 2.74 17.69 30.49
N VAL A 88 3.98 18.17 30.48
CA VAL A 88 4.26 19.60 30.45
C VAL A 88 4.41 20.05 29.00
N LYS A 89 3.63 21.05 28.60
CA LYS A 89 3.72 21.58 27.26
C LYS A 89 4.82 22.63 27.18
N ILE A 90 5.65 22.54 26.14
CA ILE A 90 6.79 23.44 25.99
C ILE A 90 6.80 23.98 24.56
N PRO A 91 6.85 25.30 24.37
CA PRO A 91 6.92 25.85 23.01
C PRO A 91 8.22 25.46 22.33
N VAL A 92 8.13 25.10 21.06
CA VAL A 92 9.27 24.60 20.30
C VAL A 92 10.01 25.81 19.73
N ASN A 93 10.86 26.41 20.55
CA ASN A 93 11.86 27.36 20.08
C ASN A 93 13.22 26.92 20.59
N LYS A 94 14.24 27.77 20.46
CA LYS A 94 15.58 27.37 20.88
C LYS A 94 15.64 27.09 22.37
N GLU A 95 15.03 27.96 23.18
CA GLU A 95 15.01 27.73 24.62
C GLU A 95 14.13 26.55 24.99
N GLY A 96 13.01 26.37 24.27
CA GLY A 96 12.16 25.22 24.53
C GLY A 96 12.84 23.90 24.23
N LEU A 97 13.67 23.89 23.18
CA LEU A 97 14.41 22.66 22.85
C LEU A 97 15.44 22.33 23.92
N LYS A 98 16.02 23.33 24.56
CA LYS A 98 16.94 23.08 25.68
C LYS A 98 16.20 22.45 26.86
N ALA A 99 14.99 22.92 27.16
CA ALA A 99 14.23 22.38 28.27
C ALA A 99 13.73 20.97 27.98
N ILE A 100 13.35 20.70 26.73
CA ILE A 100 12.93 19.37 26.35
C ILE A 100 14.09 18.39 26.49
N LYS A 101 15.28 18.81 26.05
CA LYS A 101 16.47 17.97 26.19
C LYS A 101 16.80 17.72 27.65
N ALA A 102 16.73 18.76 28.48
CA ALA A 102 17.07 18.61 29.90
C ALA A 102 16.08 17.71 30.63
N LEU A 103 14.81 17.73 30.24
CA LEU A 103 13.81 16.90 30.89
C LEU A 103 13.78 15.47 30.37
N LYS A 104 14.34 15.22 29.18
CA LYS A 104 14.34 13.87 28.62
C LYS A 104 15.21 12.97 29.47
N GLY A 105 14.70 11.78 29.78
CA GLY A 105 15.36 10.87 30.69
C GLY A 105 14.85 10.93 32.12
N THR A 106 13.97 11.88 32.43
CA THR A 106 13.36 12.00 33.74
C THR A 106 11.90 11.58 33.66
N ASN A 107 11.23 11.59 34.81
CA ASN A 107 9.82 11.20 34.88
C ASN A 107 8.88 12.29 34.37
N ILE A 108 9.41 13.43 33.91
CA ILE A 108 8.61 14.52 33.38
C ILE A 108 8.58 14.38 31.87
N ARG A 109 7.44 13.93 31.34
CA ARG A 109 7.25 13.85 29.90
C ARG A 109 6.80 15.19 29.36
N THR A 110 7.17 15.47 28.10
CA THR A 110 6.95 16.77 27.52
C THR A 110 6.14 16.66 26.22
N LEU A 111 5.51 17.78 25.87
CA LEU A 111 4.82 17.95 24.59
C LEU A 111 5.33 19.24 23.97
N GLY A 112 5.72 19.17 22.69
CA GLY A 112 6.15 20.36 21.98
C GLY A 112 4.98 21.09 21.36
N THR A 113 4.63 22.25 21.92
CA THR A 113 3.48 23.02 21.48
C THR A 113 3.93 24.23 20.65
N ALA A 114 2.94 25.00 20.21
CA ALA A 114 3.18 26.18 19.36
C ALA A 114 3.94 25.80 18.09
N VAL A 115 3.57 24.66 17.52
CA VAL A 115 4.23 24.14 16.32
C VAL A 115 3.53 24.69 15.09
N TYR A 116 4.27 25.39 14.24
CA TYR A 116 3.71 25.98 13.03
C TYR A 116 4.21 25.34 11.74
N ASN A 117 5.30 24.57 11.79
CA ASN A 117 5.78 23.84 10.63
C ASN A 117 6.31 22.49 11.08
N ALA A 118 6.56 21.61 10.11
CA ALA A 118 7.03 20.27 10.42
C ALA A 118 8.48 20.26 10.88
N THR A 119 9.24 21.33 10.64
CA THR A 119 10.63 21.37 11.07
C THR A 119 10.73 21.39 12.59
N GLN A 120 10.01 22.31 13.24
CA GLN A 120 10.04 22.37 14.70
C GLN A 120 9.41 21.14 15.32
N GLY A 121 8.43 20.53 14.64
CA GLY A 121 7.85 19.30 15.15
C GLY A 121 8.84 18.15 15.16
N LEU A 122 9.63 18.02 14.09
CA LEU A 122 10.60 16.93 14.02
C LEU A 122 11.74 17.13 15.01
N LEU A 123 12.24 18.37 15.12
CA LEU A 123 13.32 18.65 16.06
C LEU A 123 12.89 18.37 17.50
N ALA A 124 11.64 18.71 17.83
CA ALA A 124 11.14 18.42 19.17
C ALA A 124 11.06 16.91 19.42
N GLY A 125 10.63 16.15 18.41
CA GLY A 125 10.58 14.71 18.57
C GLY A 125 11.96 14.10 18.73
N LEU A 126 12.93 14.57 17.95
CA LEU A 126 14.29 14.06 18.09
C LEU A 126 14.92 14.49 19.40
N ALA A 127 14.47 15.61 19.98
CA ALA A 127 15.01 16.10 21.25
C ALA A 127 14.45 15.36 22.45
N GLY A 128 13.37 14.59 22.29
CA GLY A 128 12.82 13.80 23.38
C GLY A 128 11.37 14.06 23.71
N ALA A 129 10.67 14.95 23.01
CA ALA A 129 9.27 15.20 23.32
C ALA A 129 8.42 13.99 22.97
N GLU A 130 7.48 13.66 23.87
CA GLU A 130 6.58 12.54 23.61
C GLU A 130 5.48 12.91 22.62
N PHE A 131 5.05 14.17 22.60
CA PHE A 131 4.06 14.63 21.65
C PHE A 131 4.54 15.95 21.04
N VAL A 132 3.95 16.28 19.89
CA VAL A 132 4.08 17.60 19.28
C VAL A 132 2.69 18.02 18.82
N ALA A 133 2.37 19.31 19.00
CA ALA A 133 1.02 19.82 18.79
C ALA A 133 1.03 21.00 17.83
N PRO A 134 0.82 20.77 16.53
CA PRO A 134 0.67 21.88 15.60
C PRO A 134 -0.67 22.58 15.79
N TYR A 135 -0.65 23.89 15.55
CA TYR A 135 -1.86 24.72 15.62
C TYR A 135 -2.51 24.73 14.24
N VAL A 136 -3.43 23.80 14.02
CA VAL A 136 -3.98 23.58 12.68
C VAL A 136 -4.64 24.84 12.14
N ASN A 137 -5.56 25.41 12.92
CA ASN A 137 -6.30 26.58 12.43
C ASN A 137 -5.41 27.81 12.33
N ARG A 138 -4.42 27.93 13.22
CA ARG A 138 -3.50 29.07 13.12
C ARG A 138 -2.55 28.93 11.93
N ILE A 139 -2.18 27.70 11.57
CA ILE A 139 -1.40 27.49 10.36
C ILE A 139 -2.24 27.77 9.13
N ASP A 140 -3.51 27.35 9.14
CA ASP A 140 -4.42 27.69 8.05
C ASP A 140 -4.53 29.20 7.87
N MET A 141 -4.40 29.95 8.96
CA MET A 141 -4.50 31.41 8.88
C MET A 141 -3.27 32.02 8.23
N LEU A 142 -2.08 31.52 8.58
CA LEU A 142 -0.82 32.13 8.17
C LEU A 142 -0.32 31.60 6.83
N SER A 143 -0.37 30.29 6.62
CA SER A 143 0.13 29.70 5.38
C SER A 143 -0.87 28.81 4.66
N GLY A 144 -2.02 28.50 5.26
CA GLY A 144 -3.07 27.79 4.56
C GLY A 144 -2.80 26.32 4.31
N ASN A 145 -1.91 25.69 5.07
CA ASN A 145 -1.56 24.29 4.85
C ASN A 145 -1.51 23.54 6.17
N GLY A 146 -2.56 23.71 6.98
CA GLY A 146 -2.57 23.11 8.31
C GLY A 146 -2.61 21.59 8.27
N ILE A 147 -3.52 21.03 7.47
CA ILE A 147 -3.63 19.58 7.38
C ILE A 147 -2.41 18.98 6.69
N GLN A 148 -1.90 19.66 5.66
CA GLN A 148 -0.71 19.17 4.98
C GLN A 148 0.49 19.15 5.91
N THR A 149 0.61 20.16 6.78
CA THR A 149 1.69 20.17 7.76
C THR A 149 1.56 19.01 8.74
N VAL A 150 0.34 18.75 9.21
CA VAL A 150 0.11 17.63 10.13
C VAL A 150 0.43 16.31 9.43
N GLN A 151 0.05 16.17 8.16
CA GLN A 151 0.29 14.92 7.44
C GLN A 151 1.77 14.68 7.26
N SER A 152 2.52 15.69 6.81
CA SER A 152 3.95 15.55 6.64
C SER A 152 4.63 15.26 7.97
N LEU A 153 4.23 15.98 9.03
CA LEU A 153 4.86 15.79 10.33
C LEU A 153 4.62 14.39 10.88
N ALA A 154 3.39 13.88 10.71
CA ALA A 154 3.08 12.53 11.20
C ALA A 154 3.93 11.49 10.49
N LYS A 155 4.09 11.62 9.18
CA LYS A 155 4.91 10.65 8.43
C LYS A 155 6.38 10.78 8.80
N LEU A 156 6.87 12.00 8.97
CA LEU A 156 8.27 12.20 9.34
C LEU A 156 8.57 11.55 10.69
N LEU A 157 7.64 11.67 11.65
CA LEU A 157 7.85 11.06 12.96
C LEU A 157 7.79 9.54 12.89
N ALA A 158 6.86 9.00 12.10
CA ALA A 158 6.75 7.55 11.98
C ALA A 158 8.02 6.94 11.40
N LEU A 159 8.73 7.68 10.54
CA LEU A 159 9.94 7.18 9.90
C LEU A 159 11.19 7.42 10.74
N HIS A 160 11.30 8.57 11.39
CA HIS A 160 12.56 9.01 11.96
C HIS A 160 12.56 9.23 13.47
N ALA A 161 11.40 9.46 14.09
CA ALA A 161 11.30 9.65 15.54
C ALA A 161 10.04 8.96 16.04
N PRO A 162 10.00 7.63 16.01
CA PRO A 162 8.74 6.93 16.30
C PRO A 162 8.27 7.06 17.74
N HIS A 163 9.12 7.47 18.67
CA HIS A 163 8.68 7.67 20.04
C HIS A 163 7.79 8.90 20.18
N CYS A 164 7.82 9.81 19.21
CA CYS A 164 7.02 11.03 19.23
C CYS A 164 5.83 10.88 18.29
N LYS A 165 4.69 11.44 18.69
CA LYS A 165 3.48 11.39 17.90
C LYS A 165 2.84 12.76 17.84
N VAL A 166 1.96 12.95 16.85
CA VAL A 166 1.34 14.24 16.59
C VAL A 166 0.05 14.35 17.39
N PHE A 167 -0.16 15.51 18.00
CA PHE A 167 -1.31 15.79 18.87
C PHE A 167 -2.03 17.01 18.28
N GLY A 168 -3.13 16.77 17.58
CA GLY A 168 -3.80 17.85 16.88
C GLY A 168 -4.43 18.85 17.84
N ALA A 169 -4.25 20.13 17.53
CA ALA A 169 -4.78 21.21 18.37
C ALA A 169 -5.22 22.37 17.48
N SER A 170 -5.87 23.35 18.10
CA SER A 170 -6.36 24.56 17.44
C SER A 170 -7.33 24.22 16.32
N PHE A 171 -8.60 24.01 16.66
CA PHE A 171 -9.62 23.63 15.70
C PHE A 171 -10.79 24.60 15.74
N LYS A 172 -11.49 24.71 14.60
CA LYS A 172 -12.67 25.55 14.50
C LYS A 172 -13.88 24.84 13.92
N ASN A 173 -13.73 23.62 13.38
CA ASN A 173 -14.87 22.84 12.94
C ASN A 173 -14.53 21.35 13.04
N ASN A 174 -15.57 20.52 12.93
CA ASN A 174 -15.38 19.08 13.06
C ASN A 174 -14.53 18.52 11.94
N GLN A 175 -14.51 19.17 10.78
CA GLN A 175 -13.84 18.59 9.62
C GLN A 175 -12.32 18.68 9.76
N GLN A 176 -11.81 19.75 10.39
CA GLN A 176 -10.39 19.81 10.69
C GLN A 176 -9.98 18.70 11.64
N VAL A 177 -10.82 18.41 12.64
CA VAL A 177 -10.50 17.39 13.63
C VAL A 177 -10.42 16.02 12.96
N LEU A 178 -11.41 15.69 12.13
CA LEU A 178 -11.44 14.39 11.48
C LEU A 178 -10.33 14.25 10.45
N ASP A 179 -9.96 15.35 9.78
CA ASP A 179 -8.86 15.29 8.84
C ASP A 179 -7.55 14.96 9.53
N CYS A 180 -7.32 15.55 10.72
CA CYS A 180 -6.09 15.27 11.46
C CYS A 180 -6.02 13.80 11.87
N LEU A 181 -7.12 13.27 12.40
CA LEU A 181 -7.16 11.87 12.82
C LEU A 181 -6.99 10.92 11.63
N GLN A 182 -7.20 11.39 10.41
CA GLN A 182 -7.08 10.55 9.23
C GLN A 182 -5.68 10.59 8.62
N VAL A 183 -4.93 11.66 8.83
CA VAL A 183 -3.63 11.84 8.19
C VAL A 183 -2.48 11.49 9.14
N GLY A 184 -2.77 10.94 10.31
CA GLY A 184 -1.71 10.40 11.14
C GLY A 184 -1.67 10.87 12.59
N CYS A 185 -2.63 11.68 13.01
CA CYS A 185 -2.66 12.11 14.40
C CYS A 185 -2.98 10.94 15.32
N GLU A 186 -2.28 10.89 16.46
CA GLU A 186 -2.62 9.90 17.47
C GLU A 186 -3.86 10.30 18.25
N CYS A 187 -4.02 11.60 18.51
CA CYS A 187 -5.16 12.10 19.27
C CYS A 187 -5.30 13.59 19.00
N VAL A 188 -6.40 14.16 19.46
CA VAL A 188 -6.71 15.56 19.24
C VAL A 188 -7.24 16.17 20.54
N THR A 189 -7.05 17.49 20.67
CA THR A 189 -7.67 18.27 21.73
C THR A 189 -8.53 19.35 21.08
N ILE A 190 -9.78 19.45 21.54
CA ILE A 190 -10.74 20.36 20.93
C ILE A 190 -11.25 21.33 21.98
N PRO A 191 -11.51 22.58 21.61
CA PRO A 191 -12.09 23.54 22.58
C PRO A 191 -13.48 23.08 23.01
N ALA A 192 -13.89 23.60 24.17
CA ALA A 192 -15.16 23.17 24.75
C ALA A 192 -16.34 23.57 23.87
N ASP A 193 -16.31 24.78 23.31
CA ASP A 193 -17.40 25.22 22.45
C ASP A 193 -17.55 24.30 21.24
N LEU A 194 -16.45 23.82 20.69
CA LEU A 194 -16.53 22.86 19.60
C LEU A 194 -17.08 21.52 20.10
N ALA A 195 -16.65 21.08 21.28
CA ALA A 195 -17.12 19.81 21.83
C ALA A 195 -18.63 19.86 22.10
N PHE A 196 -19.13 21.01 22.52
CA PHE A 196 -20.57 21.14 22.76
C PHE A 196 -21.36 21.15 21.46
N LYS A 197 -20.74 21.52 20.33
CA LYS A 197 -21.42 21.58 19.04
C LYS A 197 -21.14 20.37 18.17
N MET A 198 -20.48 19.34 18.71
CA MET A 198 -20.17 18.17 17.90
C MET A 198 -21.39 17.29 17.66
N LEU A 199 -22.25 17.13 18.67
CA LEU A 199 -23.30 16.13 18.57
C LEU A 199 -24.63 16.68 18.09
N ASP A 200 -24.92 17.96 18.33
CA ASP A 200 -26.21 18.53 17.96
C ASP A 200 -26.33 18.55 16.45
N ASN A 201 -27.03 17.56 15.91
CA ASN A 201 -27.26 17.45 14.47
C ASN A 201 -28.76 17.53 14.22
N PRO A 202 -29.25 18.57 13.55
CA PRO A 202 -30.70 18.69 13.36
C PRO A 202 -31.32 17.52 12.60
N ALA A 203 -30.57 16.90 11.69
CA ALA A 203 -31.11 15.76 10.95
C ALA A 203 -31.35 14.57 11.86
N VAL A 204 -30.47 14.36 12.85
CA VAL A 204 -30.65 13.25 13.78
C VAL A 204 -31.88 13.49 14.64
N ASP A 205 -32.07 14.73 15.12
CA ASP A 205 -33.24 15.03 15.93
C ASP A 205 -34.53 14.85 15.15
N ALA A 206 -34.54 15.29 13.89
CA ALA A 206 -35.72 15.12 13.05
C ALA A 206 -35.98 13.64 12.77
N ALA A 207 -34.91 12.86 12.58
CA ALA A 207 -35.08 11.43 12.34
C ALA A 207 -35.61 10.71 13.57
N VAL A 208 -35.16 11.13 14.75
CA VAL A 208 -35.62 10.50 15.99
C VAL A 208 -37.09 10.84 16.26
N GLU A 209 -37.47 12.10 16.08
CA GLU A 209 -38.86 12.49 16.30
C GLU A 209 -39.79 11.84 15.29
N GLN A 210 -39.32 11.62 14.06
CA GLN A 210 -40.14 10.91 13.08
C GLN A 210 -40.33 9.44 13.47
N PHE A 211 -39.32 8.84 14.11
CA PHE A 211 -39.46 7.46 14.56
C PHE A 211 -40.53 7.34 15.63
N GLN A 212 -40.49 8.21 16.64
CA GLN A 212 -41.47 8.13 17.72
C GLN A 212 -42.85 8.62 17.28
N SER A 213 -42.91 9.49 16.28
CA SER A 213 -44.21 9.91 15.74
C SER A 213 -44.91 8.75 15.06
N ASP A 214 -44.16 7.92 14.31
CA ASP A 214 -44.75 6.74 13.70
C ASP A 214 -45.06 5.68 14.75
N TRP A 215 -44.31 5.66 15.85
CA TRP A 215 -44.57 4.66 16.89
C TRP A 215 -45.85 4.97 17.65
N LYS A 216 -46.11 6.25 17.94
CA LYS A 216 -47.34 6.62 18.63
C LYS A 216 -48.56 6.35 17.77
N ALA A 217 -48.44 6.55 16.45
CA ALA A 217 -49.58 6.38 15.57
C ALA A 217 -49.98 4.92 15.41
N ALA A 218 -49.02 4.00 15.56
CA ALA A 218 -49.31 2.59 15.36
C ALA A 218 -49.65 1.86 16.65
N TYR A 219 -49.16 2.33 17.79
CA TYR A 219 -49.39 1.67 19.06
C TYR A 219 -50.14 2.54 20.05
N GLY A 220 -49.72 3.78 20.25
CA GLY A 220 -50.40 4.67 21.16
C GLY A 220 -49.47 5.60 21.91
N ARG A 221 -48.35 5.06 22.40
CA ARG A 221 -47.39 5.83 23.15
C ARG A 221 -46.01 5.21 22.97
N LEU A 222 -45.03 5.69 23.73
CA LEU A 222 -43.65 5.21 23.63
C LEU A 222 -43.44 3.97 24.52
N ASP A 223 -44.25 2.95 24.26
CA ASP A 223 -44.17 1.69 24.99
C ASP A 223 -43.49 0.64 24.12
N ILE A 224 -42.62 -0.16 24.75
CA ILE A 224 -41.93 -1.23 24.06
C ILE A 224 -41.42 -2.25 25.08
N GLY B 1 12.00 2.98 17.94
CA GLY B 1 13.32 3.45 18.33
C GLY B 1 13.79 4.63 17.51
N GLY B 2 14.32 4.35 16.33
CA GLY B 2 14.80 5.39 15.43
C GLY B 2 16.29 5.61 15.53
N GLY B 3 16.82 5.57 16.75
CA GLY B 3 18.23 5.81 17.00
C GLY B 3 18.59 7.28 17.18
N GLY B 4 17.84 8.18 16.57
CA GLY B 4 18.07 9.61 16.71
C GLY B 4 19.14 10.17 15.79
N MET B 5 19.87 9.32 15.06
CA MET B 5 20.95 9.78 14.19
C MET B 5 20.35 10.21 12.86
N LYS B 6 19.89 11.46 12.81
CA LYS B 6 19.17 11.96 11.65
C LYS B 6 19.71 13.28 11.11
N ILE B 7 20.06 14.22 11.99
CA ILE B 7 20.48 15.56 11.57
C ILE B 7 21.99 15.67 11.72
N TYR B 8 22.67 15.87 10.60
CA TYR B 8 24.10 16.08 10.58
C TYR B 8 24.42 17.51 10.16
N ILE B 9 25.56 18.02 10.63
CA ILE B 9 25.99 19.38 10.35
C ILE B 9 27.18 19.33 9.41
N ASP B 10 27.12 20.11 8.33
CA ASP B 10 28.14 20.11 7.30
C ASP B 10 29.04 21.32 7.51
N THR B 11 30.13 21.12 8.25
CA THR B 11 31.06 22.20 8.55
C THR B 11 32.37 21.61 9.03
N ALA B 12 33.39 22.46 9.06
CA ALA B 12 34.67 22.15 9.69
C ALA B 12 35.00 23.13 10.80
N ASP B 13 34.06 24.02 11.15
CA ASP B 13 34.28 25.01 12.19
C ASP B 13 33.94 24.40 13.54
N VAL B 14 34.94 24.36 14.43
CA VAL B 14 34.75 23.72 15.74
C VAL B 14 33.77 24.53 16.59
N ASN B 15 33.86 25.86 16.52
CA ASN B 15 32.98 26.70 17.35
C ASN B 15 31.52 26.52 16.98
N GLU B 16 31.22 26.41 15.69
CA GLU B 16 29.83 26.23 15.27
C GLU B 16 29.28 24.89 15.73
N VAL B 17 30.11 23.85 15.72
CA VAL B 17 29.67 22.53 16.16
C VAL B 17 29.29 22.56 17.63
N LYS B 18 30.13 23.20 18.45
CA LYS B 18 29.84 23.30 19.89
C LYS B 18 28.54 24.04 20.14
N THR B 19 28.34 25.16 19.45
CA THR B 19 27.14 25.97 19.67
C THR B 19 25.88 25.21 19.26
N LEU B 20 25.90 24.57 18.09
CA LEU B 20 24.70 23.94 17.56
C LEU B 20 24.37 22.65 18.30
N VAL B 21 25.37 21.86 18.67
CA VAL B 21 25.12 20.61 19.38
C VAL B 21 24.64 20.83 20.80
N SER B 22 24.75 22.05 21.32
CA SER B 22 24.33 22.30 22.70
C SER B 22 22.81 22.27 22.85
N TYR B 23 22.08 22.69 21.81
CA TYR B 23 20.62 22.73 21.88
C TYR B 23 19.93 21.99 20.75
N LEU B 24 20.64 21.56 19.71
CA LEU B 24 20.02 20.81 18.63
C LEU B 24 20.42 19.33 18.71
N PRO B 25 19.51 18.42 18.36
CA PRO B 25 19.87 16.98 18.34
C PRO B 25 20.73 16.62 17.13
N ILE B 26 22.01 16.93 17.23
CA ILE B 26 22.95 16.72 16.14
C ILE B 26 23.52 15.31 16.23
N ALA B 27 23.56 14.62 15.09
CA ALA B 27 24.03 13.24 15.04
C ALA B 27 25.51 13.13 14.74
N GLY B 28 26.07 14.09 14.00
CA GLY B 28 27.48 14.03 13.65
C GLY B 28 27.85 15.20 12.77
N VAL B 29 29.06 15.13 12.23
CA VAL B 29 29.62 16.19 11.41
C VAL B 29 30.11 15.61 10.09
N THR B 30 29.78 16.27 9.00
CA THR B 30 30.27 15.91 7.67
C THR B 30 31.17 17.02 7.13
N THR B 31 32.17 16.62 6.36
CA THR B 31 33.10 17.56 5.75
C THR B 31 33.31 17.21 4.29
N ASN B 32 33.79 18.19 3.53
CA ASN B 32 34.20 18.03 2.15
C ASN B 32 35.42 18.90 1.92
N PRO B 33 36.20 18.62 0.87
CA PRO B 33 37.44 19.39 0.65
C PRO B 33 37.25 20.90 0.62
N THR B 34 36.14 21.39 0.09
CA THR B 34 35.91 22.83 0.07
C THR B 34 35.67 23.37 1.48
N ILE B 35 34.87 22.65 2.28
CA ILE B 35 34.57 23.10 3.64
C ILE B 35 35.81 23.01 4.52
N ALA B 36 36.55 21.90 4.41
CA ALA B 36 37.75 21.74 5.24
C ALA B 36 38.84 22.74 4.85
N ALA B 37 38.90 23.15 3.58
CA ALA B 37 39.92 24.09 3.15
C ALA B 37 39.66 25.49 3.70
N LYS B 38 38.40 25.82 4.00
CA LYS B 38 38.10 27.13 4.57
C LYS B 38 38.70 27.26 5.97
N SER B 39 38.68 26.19 6.75
CA SER B 39 39.27 26.22 8.09
C SER B 39 40.79 26.20 8.03
N ALA B 40 41.38 25.72 6.94
CA ALA B 40 42.83 25.69 6.72
C ALA B 40 43.57 24.93 7.80
N VAL B 41 42.89 24.00 8.50
CA VAL B 41 43.51 23.16 9.51
C VAL B 41 43.58 21.74 8.96
N LYS B 42 44.75 21.12 9.11
CA LYS B 42 44.98 19.79 8.56
C LYS B 42 44.00 18.78 9.15
N MET B 43 43.66 17.77 8.35
CA MET B 43 42.59 16.83 8.72
C MET B 43 42.96 16.01 9.95
N ASP B 44 44.24 15.67 10.12
CA ASP B 44 44.64 14.94 11.32
C ASP B 44 44.50 15.75 12.60
N VAL B 45 44.30 17.06 12.48
CA VAL B 45 44.11 17.92 13.65
C VAL B 45 42.65 18.29 13.83
N VAL B 46 41.94 18.61 12.75
CA VAL B 46 40.56 19.09 12.89
C VAL B 46 39.61 17.94 13.21
N LEU B 47 39.87 16.74 12.72
CA LEU B 47 38.98 15.62 13.01
C LEU B 47 38.92 15.26 14.49
N PRO B 48 40.04 15.20 15.23
CA PRO B 48 39.91 15.01 16.69
C PRO B 48 39.20 16.16 17.38
N GLN B 49 39.36 17.40 16.88
CA GLN B 49 38.68 18.53 17.48
C GLN B 49 37.17 18.45 17.25
N LEU B 50 36.76 18.04 16.05
CA LEU B 50 35.33 17.92 15.75
C LEU B 50 34.69 16.82 16.58
N ARG B 51 35.40 15.72 16.80
CA ARG B 51 34.87 14.66 17.65
C ARG B 51 34.68 15.15 19.08
N GLU B 52 35.60 15.98 19.58
CA GLU B 52 35.46 16.53 20.91
C GLU B 52 34.34 17.56 20.98
N ALA B 53 34.24 18.40 19.94
CA ALA B 53 33.18 19.41 19.91
C ALA B 53 31.80 18.78 19.79
N LEU B 54 31.70 17.63 19.12
CA LEU B 54 30.41 16.97 18.95
C LEU B 54 29.84 16.52 20.29
N GLY B 55 30.71 16.16 21.24
CA GLY B 55 30.27 15.76 22.57
C GLY B 55 29.86 14.32 22.72
N HIS B 56 29.72 13.57 21.63
CA HIS B 56 29.38 12.16 21.70
C HIS B 56 30.11 11.43 20.58
N ASP B 57 29.92 10.13 20.52
CA ASP B 57 30.61 9.29 19.53
C ASP B 57 29.80 9.16 18.24
N GLY B 58 29.35 10.29 17.71
CA GLY B 58 28.64 10.29 16.45
C GLY B 58 29.56 10.10 15.26
N LEU B 59 28.96 9.81 14.11
CA LEU B 59 29.73 9.53 12.91
C LEU B 59 30.33 10.82 12.34
N LEU B 60 31.60 10.74 11.95
CA LEU B 60 32.28 11.81 11.24
C LEU B 60 32.53 11.38 9.80
N PHE B 61 32.53 12.35 8.88
CA PHE B 61 32.66 12.07 7.46
C PHE B 61 33.76 12.94 6.88
N ALA B 62 34.72 12.30 6.20
CA ALA B 62 35.81 12.99 5.53
C ALA B 62 35.99 12.40 4.14
N GLN B 63 36.47 13.22 3.21
CA GLN B 63 36.53 12.88 1.80
C GLN B 63 37.97 12.86 1.30
N VAL B 64 38.25 11.96 0.36
CA VAL B 64 39.55 11.87 -0.29
C VAL B 64 39.66 12.95 -1.35
N ILE B 65 40.84 13.11 -1.95
CA ILE B 65 41.05 14.20 -2.89
C ILE B 65 41.59 13.67 -4.22
N SER B 66 42.42 12.63 -4.15
CA SER B 66 43.15 12.17 -5.31
C SER B 66 42.20 11.62 -6.37
N ASN B 67 42.68 11.62 -7.61
CA ASN B 67 41.93 11.07 -8.74
C ASN B 67 42.21 9.58 -8.95
N ASP B 68 43.35 9.08 -8.49
CA ASP B 68 43.71 7.69 -8.71
C ASP B 68 43.08 6.80 -7.65
N ALA B 69 42.58 5.64 -8.09
CA ALA B 69 41.89 4.73 -7.16
C ALA B 69 42.84 4.22 -6.08
N ALA B 70 44.07 3.85 -6.47
CA ALA B 70 45.03 3.34 -5.49
C ALA B 70 45.40 4.41 -4.47
N GLU B 71 45.47 5.67 -4.91
CA GLU B 71 45.73 6.76 -3.97
C GLU B 71 44.51 7.05 -3.10
N MET B 72 43.31 6.88 -3.63
CA MET B 72 42.11 7.03 -2.81
C MET B 72 42.10 6.02 -1.67
N ILE B 73 42.51 4.77 -1.96
CA ILE B 73 42.53 3.74 -0.93
C ILE B 73 43.53 4.10 0.17
N GLU B 74 44.69 4.63 -0.21
CA GLU B 74 45.68 5.03 0.78
C GLU B 74 45.18 6.21 1.61
N GLU B 75 44.54 7.18 0.95
CA GLU B 75 43.98 8.32 1.69
C GLU B 75 42.82 7.89 2.57
N ALA B 76 42.06 6.89 2.15
CA ALA B 76 40.94 6.41 2.97
C ALA B 76 41.44 5.72 4.24
N LYS B 77 42.58 5.03 4.17
CA LYS B 77 43.12 4.38 5.36
C LYS B 77 43.68 5.39 6.35
N ARG B 78 44.28 6.47 5.84
CA ARG B 78 44.83 7.49 6.74
C ARG B 78 43.73 8.28 7.41
N LEU B 79 42.65 8.57 6.68
CA LEU B 79 41.52 9.29 7.28
C LEU B 79 40.82 8.44 8.32
N HIS B 80 40.66 7.14 8.05
CA HIS B 80 40.01 6.23 9.00
C HIS B 80 40.81 6.11 10.29
N GLY B 81 42.10 6.41 10.27
CA GLY B 81 42.94 6.35 11.44
C GLY B 81 43.11 7.64 12.19
N TYR B 82 42.53 8.74 11.70
CA TYR B 82 42.66 10.01 12.40
C TYR B 82 41.72 10.10 13.60
N VAL B 83 40.52 9.52 13.49
CA VAL B 83 39.54 9.50 14.57
C VAL B 83 38.78 8.18 14.51
N ASP B 84 37.99 7.93 15.55
CA ASP B 84 37.12 6.77 15.59
C ASP B 84 35.75 7.12 15.00
N ASN B 85 35.08 6.09 14.48
CA ASN B 85 33.77 6.24 13.85
C ASN B 85 33.80 7.27 12.73
N LEU B 86 34.71 7.08 11.79
CA LEU B 86 34.82 7.94 10.61
C LEU B 86 34.46 7.14 9.36
N ILE B 87 33.58 7.71 8.54
CA ILE B 87 33.20 7.13 7.26
C ILE B 87 33.85 7.95 6.16
N VAL B 88 34.49 7.28 5.21
CA VAL B 88 35.25 7.94 4.15
C VAL B 88 34.32 8.23 2.97
N LYS B 89 34.33 9.48 2.52
CA LYS B 89 33.52 9.90 1.38
C LYS B 89 34.34 9.78 0.10
N ILE B 90 33.77 9.13 -0.91
CA ILE B 90 34.48 8.89 -2.17
C ILE B 90 33.60 9.33 -3.33
N PRO B 91 34.10 10.14 -4.25
CA PRO B 91 33.28 10.55 -5.40
C PRO B 91 32.91 9.35 -6.26
N VAL B 92 31.68 9.37 -6.77
CA VAL B 92 31.14 8.24 -7.54
C VAL B 92 31.50 8.50 -8.99
N ASN B 93 32.73 8.13 -9.36
CA ASN B 93 33.14 8.06 -10.76
C ASN B 93 33.79 6.70 -11.01
N LYS B 94 34.50 6.56 -12.14
CA LYS B 94 35.11 5.27 -12.46
C LYS B 94 36.19 4.90 -11.46
N GLU B 95 37.09 5.85 -11.16
CA GLU B 95 38.16 5.55 -10.21
C GLU B 95 37.63 5.44 -8.79
N GLY B 96 36.61 6.24 -8.45
CA GLY B 96 36.03 6.14 -7.13
C GLY B 96 35.31 4.82 -6.91
N LEU B 97 34.68 4.29 -7.96
CA LEU B 97 34.02 3.00 -7.84
C LEU B 97 35.03 1.87 -7.66
N LYS B 98 36.25 2.04 -8.16
CA LYS B 98 37.31 1.07 -7.88
C LYS B 98 37.66 1.04 -6.40
N ALA B 99 37.77 2.23 -5.79
CA ALA B 99 38.11 2.30 -4.37
C ALA B 99 36.99 1.72 -3.51
N ILE B 100 35.73 2.01 -3.86
CA ILE B 100 34.61 1.44 -3.13
C ILE B 100 34.60 -0.07 -3.25
N LYS B 101 34.94 -0.59 -4.43
CA LYS B 101 35.03 -2.03 -4.62
C LYS B 101 36.11 -2.63 -3.75
N ALA B 102 37.28 -2.00 -3.70
CA ALA B 102 38.39 -2.54 -2.93
C ALA B 102 38.17 -2.40 -1.43
N LEU B 103 37.45 -1.36 -1.01
CA LEU B 103 37.24 -1.12 0.42
C LEU B 103 36.08 -1.92 1.00
N LYS B 104 35.30 -2.61 0.18
CA LYS B 104 34.22 -3.44 0.71
C LYS B 104 34.81 -4.65 1.42
N GLY B 105 34.09 -5.11 2.46
CA GLY B 105 34.57 -6.18 3.30
C GLY B 105 35.59 -5.78 4.33
N THR B 106 36.26 -4.64 4.16
CA THR B 106 37.20 -4.14 5.14
C THR B 106 36.45 -3.40 6.25
N ASN B 107 37.19 -2.92 7.24
CA ASN B 107 36.61 -2.18 8.35
C ASN B 107 36.40 -0.71 8.03
N ILE B 108 36.63 -0.29 6.79
CA ILE B 108 36.48 1.11 6.39
C ILE B 108 35.16 1.23 5.64
N ARG B 109 34.15 1.80 6.29
CA ARG B 109 32.88 2.06 5.64
C ARG B 109 32.98 3.31 4.76
N THR B 110 32.29 3.28 3.63
CA THR B 110 32.42 4.32 2.61
C THR B 110 31.08 4.97 2.33
N LEU B 111 31.15 6.21 1.86
CA LEU B 111 29.99 6.96 1.38
C LEU B 111 30.25 7.40 -0.05
N GLY B 112 29.25 7.26 -0.90
CA GLY B 112 29.35 7.71 -2.27
C GLY B 112 28.86 9.14 -2.44
N THR B 113 29.78 10.08 -2.58
CA THR B 113 29.44 11.49 -2.65
C THR B 113 29.46 11.97 -4.10
N ALA B 114 29.11 13.25 -4.29
CA ALA B 114 29.04 13.88 -5.60
C ALA B 114 28.08 13.13 -6.53
N VAL B 115 26.92 12.76 -6.00
CA VAL B 115 25.92 12.00 -6.75
C VAL B 115 24.95 13.00 -7.38
N TYR B 116 24.88 12.99 -8.71
CA TYR B 116 23.99 13.88 -9.45
C TYR B 116 22.83 13.15 -10.12
N ASN B 117 22.84 11.83 -10.16
CA ASN B 117 21.73 11.07 -10.72
C ASN B 117 21.63 9.74 -10.01
N ALA B 118 20.52 9.03 -10.26
CA ALA B 118 20.28 7.76 -9.59
C ALA B 118 21.17 6.65 -10.11
N THR B 119 21.76 6.80 -11.30
CA THR B 119 22.65 5.78 -11.82
C THR B 119 23.93 5.68 -10.98
N GLN B 120 24.50 6.83 -10.61
CA GLN B 120 25.68 6.82 -9.75
C GLN B 120 25.37 6.18 -8.40
N GLY B 121 24.25 6.55 -7.79
CA GLY B 121 23.94 6.06 -6.45
C GLY B 121 23.67 4.57 -6.42
N LEU B 122 23.02 4.04 -7.47
CA LEU B 122 22.75 2.61 -7.52
C LEU B 122 24.04 1.81 -7.70
N LEU B 123 24.91 2.26 -8.61
CA LEU B 123 26.16 1.55 -8.83
C LEU B 123 27.04 1.57 -7.59
N ALA B 124 27.09 2.71 -6.89
CA ALA B 124 27.88 2.80 -5.67
C ALA B 124 27.34 1.87 -4.59
N GLY B 125 26.00 1.78 -4.48
CA GLY B 125 25.42 0.87 -3.51
C GLY B 125 25.73 -0.59 -3.81
N LEU B 126 25.66 -0.97 -5.09
CA LEU B 126 26.02 -2.32 -5.48
C LEU B 126 27.51 -2.58 -5.32
N ALA B 127 28.33 -1.53 -5.37
CA ALA B 127 29.77 -1.69 -5.24
C ALA B 127 30.22 -1.90 -3.80
N GLY B 128 29.41 -1.50 -2.83
CA GLY B 128 29.73 -1.76 -1.43
C GLY B 128 29.60 -0.55 -0.51
N ALA B 129 29.11 0.57 -1.06
CA ALA B 129 28.97 1.78 -0.25
C ALA B 129 27.83 1.63 0.75
N GLU B 130 28.05 2.13 1.97
CA GLU B 130 26.99 2.11 2.97
C GLU B 130 26.01 3.27 2.78
N PHE B 131 26.49 4.41 2.30
CA PHE B 131 25.65 5.57 2.05
C PHE B 131 25.98 6.16 0.69
N VAL B 132 24.99 6.84 0.10
CA VAL B 132 25.17 7.63 -1.10
C VAL B 132 24.54 9.00 -0.86
N ALA B 133 25.23 10.05 -1.28
CA ALA B 133 24.86 11.43 -0.97
C ALA B 133 24.60 12.23 -2.24
N PRO B 134 23.36 12.31 -2.70
CA PRO B 134 23.05 13.21 -3.82
C PRO B 134 23.03 14.66 -3.38
N TYR B 135 23.54 15.53 -4.24
CA TYR B 135 23.57 16.98 -3.98
C TYR B 135 22.24 17.56 -4.44
N VAL B 136 21.28 17.66 -3.51
CA VAL B 136 19.91 18.00 -3.87
C VAL B 136 19.85 19.37 -4.55
N ASN B 137 20.38 20.40 -3.90
CA ASN B 137 20.27 21.75 -4.44
C ASN B 137 21.08 21.90 -5.73
N ARG B 138 22.20 21.18 -5.85
CA ARG B 138 22.96 21.24 -7.09
C ARG B 138 22.24 20.54 -8.23
N ILE B 139 21.52 19.45 -7.93
CA ILE B 139 20.70 18.80 -8.94
C ILE B 139 19.57 19.72 -9.39
N ASP B 140 18.92 20.39 -8.43
CA ASP B 140 17.90 21.38 -8.78
C ASP B 140 18.48 22.48 -9.67
N MET B 141 19.75 22.83 -9.46
CA MET B 141 20.37 23.86 -10.28
C MET B 141 20.59 23.37 -11.72
N LEU B 142 20.96 22.10 -11.87
CA LEU B 142 21.35 21.57 -13.17
C LEU B 142 20.19 20.98 -13.95
N SER B 143 19.31 20.23 -13.28
CA SER B 143 18.21 19.55 -13.97
C SER B 143 16.85 19.72 -13.30
N GLY B 144 16.80 20.35 -12.13
CA GLY B 144 15.54 20.69 -11.51
C GLY B 144 14.72 19.52 -11.01
N ASN B 145 15.36 18.39 -10.70
CA ASN B 145 14.65 17.22 -10.21
C ASN B 145 15.38 16.61 -9.01
N GLY B 146 15.79 17.46 -8.07
CA GLY B 146 16.56 16.97 -6.93
C GLY B 146 15.78 15.98 -6.09
N ILE B 147 14.55 16.35 -5.70
CA ILE B 147 13.74 15.48 -4.86
C ILE B 147 13.36 14.21 -5.62
N GLN B 148 13.03 14.34 -6.91
CA GLN B 148 12.70 13.16 -7.71
C GLN B 148 13.88 12.19 -7.80
N THR B 149 15.10 12.74 -7.92
CA THR B 149 16.28 11.88 -7.95
C THR B 149 16.47 11.16 -6.63
N VAL B 150 16.22 11.85 -5.51
CA VAL B 150 16.35 11.22 -4.20
C VAL B 150 15.31 10.13 -4.02
N GLN B 151 14.06 10.40 -4.45
CA GLN B 151 13.00 9.42 -4.28
C GLN B 151 13.24 8.17 -5.13
N SER B 152 13.67 8.36 -6.38
CA SER B 152 13.99 7.22 -7.23
C SER B 152 15.16 6.42 -6.67
N LEU B 153 16.21 7.12 -6.22
CA LEU B 153 17.40 6.45 -5.69
C LEU B 153 17.07 5.63 -4.44
N ALA B 154 16.29 6.22 -3.53
CA ALA B 154 15.93 5.50 -2.32
C ALA B 154 15.08 4.28 -2.62
N LYS B 155 14.23 4.37 -3.64
CA LYS B 155 13.41 3.23 -4.03
C LYS B 155 14.25 2.14 -4.70
N LEU B 156 15.22 2.54 -5.51
CA LEU B 156 16.08 1.57 -6.18
C LEU B 156 16.95 0.82 -5.18
N LEU B 157 17.42 1.51 -4.14
CA LEU B 157 18.24 0.87 -3.12
C LEU B 157 17.42 -0.06 -2.24
N ALA B 158 16.20 0.35 -1.89
CA ALA B 158 15.36 -0.50 -1.06
C ALA B 158 15.02 -1.82 -1.76
N LEU B 159 15.00 -1.81 -3.09
CA LEU B 159 14.61 -3.00 -3.84
C LEU B 159 15.80 -3.84 -4.30
N HIS B 160 16.96 -3.21 -4.53
CA HIS B 160 18.07 -3.91 -5.17
C HIS B 160 19.39 -3.87 -4.40
N ALA B 161 19.61 -2.90 -3.52
CA ALA B 161 20.83 -2.82 -2.72
C ALA B 161 20.46 -2.34 -1.32
N PRO B 162 19.80 -3.18 -0.53
CA PRO B 162 19.25 -2.70 0.76
C PRO B 162 20.30 -2.33 1.79
N HIS B 163 21.56 -2.72 1.61
CA HIS B 163 22.60 -2.36 2.56
C HIS B 163 23.08 -0.91 2.40
N CYS B 164 22.59 -0.20 1.38
CA CYS B 164 22.99 1.17 1.12
C CYS B 164 21.79 2.09 1.31
N LYS B 165 21.98 3.15 2.08
CA LYS B 165 20.94 4.15 2.32
C LYS B 165 21.33 5.48 1.71
N VAL B 166 20.33 6.34 1.52
CA VAL B 166 20.53 7.66 0.93
C VAL B 166 20.81 8.66 2.04
N PHE B 167 21.78 9.54 1.80
CA PHE B 167 22.21 10.55 2.75
C PHE B 167 22.04 11.91 2.08
N GLY B 168 20.96 12.61 2.42
CA GLY B 168 20.67 13.88 1.77
C GLY B 168 21.72 14.93 2.07
N ALA B 169 22.08 15.69 1.04
CA ALA B 169 23.11 16.73 1.17
C ALA B 169 22.77 17.90 0.25
N SER B 170 23.49 18.99 0.45
CA SER B 170 23.34 20.22 -0.34
C SER B 170 21.92 20.77 -0.22
N PHE B 171 21.65 21.54 0.84
CA PHE B 171 20.33 22.09 1.09
C PHE B 171 20.41 23.60 1.25
N LYS B 172 19.32 24.27 0.89
CA LYS B 172 19.22 25.72 1.02
C LYS B 172 18.02 26.18 1.84
N ASN B 173 17.02 25.33 2.07
CA ASN B 173 15.89 25.70 2.91
C ASN B 173 15.36 24.46 3.61
N ASN B 174 14.50 24.68 4.61
CA ASN B 174 13.96 23.58 5.40
C ASN B 174 13.08 22.65 4.58
N GLN B 175 12.45 23.17 3.52
CA GLN B 175 11.53 22.36 2.73
C GLN B 175 12.28 21.26 1.98
N GLN B 176 13.47 21.56 1.46
CA GLN B 176 14.27 20.54 0.80
C GLN B 176 14.64 19.42 1.76
N VAL B 177 15.02 19.79 2.99
CA VAL B 177 15.44 18.81 3.99
C VAL B 177 14.29 17.88 4.33
N LEU B 178 13.11 18.45 4.60
CA LEU B 178 11.96 17.64 5.00
C LEU B 178 11.47 16.76 3.86
N ASP B 179 11.51 17.28 2.63
CA ASP B 179 11.12 16.47 1.48
C ASP B 179 12.00 15.24 1.34
N CYS B 180 13.32 15.40 1.51
CA CYS B 180 14.23 14.26 1.38
C CYS B 180 13.97 13.22 2.46
N LEU B 181 13.83 13.67 3.71
CA LEU B 181 13.51 12.74 4.80
C LEU B 181 12.18 12.04 4.60
N GLN B 182 11.28 12.63 3.81
CA GLN B 182 9.96 12.05 3.59
C GLN B 182 9.91 11.12 2.39
N VAL B 183 10.83 11.26 1.42
CA VAL B 183 10.81 10.44 0.22
C VAL B 183 11.77 9.26 0.30
N GLY B 184 12.50 9.09 1.41
CA GLY B 184 13.29 7.89 1.58
C GLY B 184 14.67 8.06 2.17
N CYS B 185 15.08 9.29 2.47
CA CYS B 185 16.41 9.52 3.04
C CYS B 185 16.49 8.95 4.45
N GLU B 186 17.60 8.27 4.74
CA GLU B 186 17.83 7.80 6.11
C GLU B 186 18.22 8.95 7.02
N CYS B 187 18.99 9.91 6.50
CA CYS B 187 19.45 11.05 7.28
C CYS B 187 19.86 12.15 6.30
N VAL B 188 20.14 13.32 6.87
CA VAL B 188 20.52 14.49 6.08
C VAL B 188 21.67 15.21 6.79
N THR B 189 22.44 15.95 6.00
CA THR B 189 23.46 16.86 6.51
C THR B 189 23.15 18.26 5.99
N ILE B 190 23.15 19.23 6.90
CA ILE B 190 22.74 20.60 6.56
C ILE B 190 23.89 21.56 6.83
N PRO B 191 24.00 22.66 6.08
CA PRO B 191 25.04 23.64 6.39
C PRO B 191 24.77 24.33 7.71
N ALA B 192 25.82 24.96 8.24
CA ALA B 192 25.71 25.62 9.54
C ALA B 192 24.72 26.78 9.49
N ASP B 193 24.79 27.60 8.45
CA ASP B 193 23.90 28.75 8.34
C ASP B 193 22.44 28.32 8.28
N LEU B 194 22.15 27.16 7.69
CA LEU B 194 20.78 26.66 7.68
C LEU B 194 20.37 26.18 9.07
N ALA B 195 21.28 25.51 9.79
CA ALA B 195 20.94 24.99 11.11
C ALA B 195 20.68 26.11 12.10
N PHE B 196 21.36 27.25 11.97
CA PHE B 196 21.13 28.37 12.86
C PHE B 196 19.78 29.03 12.62
N LYS B 197 19.22 28.91 11.42
CA LYS B 197 17.94 29.53 11.10
C LYS B 197 16.79 28.55 11.00
N MET B 198 16.99 27.28 11.36
CA MET B 198 15.93 26.29 11.25
C MET B 198 14.71 26.68 12.07
N LEU B 199 14.92 27.09 13.32
CA LEU B 199 13.84 27.35 14.25
C LEU B 199 13.29 28.77 14.18
N ASP B 200 13.89 29.64 13.36
CA ASP B 200 13.41 31.01 13.24
C ASP B 200 11.99 31.04 12.68
N ASN B 201 11.02 31.35 13.53
CA ASN B 201 9.61 31.45 13.13
C ASN B 201 8.98 32.57 13.93
N PRO B 202 8.82 33.76 13.34
CA PRO B 202 8.22 34.87 14.09
C PRO B 202 6.82 34.60 14.59
N ALA B 203 6.09 33.68 13.94
CA ALA B 203 4.76 33.33 14.43
C ALA B 203 4.81 32.69 15.80
N VAL B 204 5.86 31.91 16.07
CA VAL B 204 6.02 31.30 17.39
C VAL B 204 6.28 32.35 18.45
N ASP B 205 7.15 33.31 18.14
CA ASP B 205 7.45 34.37 19.10
C ASP B 205 6.21 35.20 19.41
N ALA B 206 5.37 35.43 18.40
CA ALA B 206 4.13 36.19 18.62
C ALA B 206 3.17 35.42 19.50
N ALA B 207 3.06 34.11 19.29
CA ALA B 207 2.18 33.29 20.13
C ALA B 207 2.66 33.25 21.56
N VAL B 208 3.97 33.18 21.77
CA VAL B 208 4.52 33.16 23.13
C VAL B 208 4.26 34.49 23.82
N GLU B 209 4.44 35.61 23.11
CA GLU B 209 4.16 36.91 23.68
C GLU B 209 2.70 37.05 24.07
N GLN B 210 1.79 36.52 23.24
CA GLN B 210 0.37 36.61 23.55
C GLN B 210 0.01 35.74 24.76
N PHE B 211 0.67 34.59 24.90
CA PHE B 211 0.39 33.71 26.03
C PHE B 211 0.74 34.38 27.35
N GLN B 212 1.91 35.01 27.42
CA GLN B 212 2.32 35.66 28.66
C GLN B 212 1.68 37.02 28.86
N SER B 213 1.26 37.69 27.78
CA SER B 213 0.48 38.92 27.93
C SER B 213 -0.87 38.62 28.55
N ASP B 214 -1.50 37.51 28.15
CA ASP B 214 -2.73 37.08 28.81
C ASP B 214 -2.48 36.62 30.23
N TRP B 215 -1.30 36.07 30.50
CA TRP B 215 -1.00 35.60 31.85
C TRP B 215 -0.75 36.75 32.80
N LYS B 216 -0.05 37.80 32.34
CA LYS B 216 0.18 38.95 33.19
C LYS B 216 -1.12 39.70 33.47
N ALA B 217 -2.01 39.79 32.48
CA ALA B 217 -3.25 40.53 32.66
C ALA B 217 -4.17 39.88 33.68
N ALA B 218 -4.10 38.55 33.82
CA ALA B 218 -5.00 37.83 34.70
C ALA B 218 -4.42 37.55 36.08
N TYR B 219 -3.11 37.34 36.18
CA TYR B 219 -2.48 36.99 37.46
C TYR B 219 -1.58 38.08 38.00
N GLY B 220 -1.21 39.08 37.20
CA GLY B 220 -0.36 40.16 37.62
C GLY B 220 1.10 39.97 37.29
N ARG B 221 1.60 38.74 37.33
CA ARG B 221 3.00 38.45 37.03
C ARG B 221 3.05 37.19 36.17
N LEU B 222 4.25 36.66 35.99
CA LEU B 222 4.49 35.44 35.22
C LEU B 222 4.77 34.25 36.14
N ASP B 223 4.10 34.19 37.28
CA ASP B 223 4.29 33.10 38.24
C ASP B 223 3.29 31.99 37.99
N ILE B 224 3.73 30.75 38.20
CA ILE B 224 2.86 29.59 38.01
C ILE B 224 3.17 28.54 39.06
N GLY C 3 21.67 -9.82 -3.09
CA GLY C 3 22.97 -10.45 -3.31
C GLY C 3 23.90 -9.63 -4.19
N GLY C 4 23.35 -8.60 -4.82
CA GLY C 4 24.12 -7.75 -5.69
C GLY C 4 24.20 -8.18 -7.13
N MET C 5 23.32 -9.09 -7.56
CA MET C 5 23.33 -9.59 -8.94
C MET C 5 22.22 -8.87 -9.72
N LYS C 6 22.53 -7.64 -10.12
CA LYS C 6 21.57 -6.75 -10.77
C LYS C 6 22.00 -6.29 -12.15
N ILE C 7 23.26 -5.91 -12.32
CA ILE C 7 23.74 -5.33 -13.57
C ILE C 7 24.48 -6.41 -14.34
N TYR C 8 23.90 -6.86 -15.45
CA TYR C 8 24.54 -7.77 -16.39
C TYR C 8 24.95 -7.00 -17.63
N ILE C 9 25.89 -7.57 -18.38
CA ILE C 9 26.43 -6.96 -19.59
C ILE C 9 26.14 -7.87 -20.77
N ASP C 10 25.67 -7.27 -21.87
CA ASP C 10 25.32 -8.00 -23.08
C ASP C 10 26.46 -7.83 -24.07
N THR C 11 27.35 -8.81 -24.15
CA THR C 11 28.50 -8.75 -25.04
C THR C 11 29.11 -10.13 -25.17
N ALA C 12 29.96 -10.27 -26.19
CA ALA C 12 30.81 -11.45 -26.34
C ALA C 12 32.29 -11.08 -26.36
N ASP C 13 32.62 -9.80 -26.26
CA ASP C 13 34.00 -9.35 -26.20
C ASP C 13 34.58 -9.66 -24.83
N VAL C 14 35.61 -10.51 -24.78
CA VAL C 14 36.20 -10.91 -23.51
C VAL C 14 36.97 -9.75 -22.89
N ASN C 15 37.61 -8.92 -23.71
CA ASN C 15 38.37 -7.79 -23.17
C ASN C 15 37.47 -6.74 -22.54
N GLU C 16 36.29 -6.51 -23.13
CA GLU C 16 35.38 -5.52 -22.58
C GLU C 16 34.85 -5.95 -21.20
N VAL C 17 34.67 -7.26 -20.99
CA VAL C 17 34.23 -7.74 -19.69
C VAL C 17 35.30 -7.49 -18.63
N LYS C 18 36.56 -7.79 -18.96
CA LYS C 18 37.65 -7.57 -18.02
C LYS C 18 37.80 -6.10 -17.66
N THR C 19 37.53 -5.20 -18.61
CA THR C 19 37.67 -3.77 -18.34
C THR C 19 36.54 -3.27 -17.46
N LEU C 20 35.30 -3.65 -17.78
CA LEU C 20 34.14 -3.13 -17.05
C LEU C 20 34.01 -3.74 -15.67
N VAL C 21 34.33 -5.04 -15.53
CA VAL C 21 34.29 -5.68 -14.21
C VAL C 21 35.36 -5.15 -13.28
N SER C 22 36.35 -4.43 -13.81
CA SER C 22 37.41 -3.86 -12.99
C SER C 22 36.92 -2.73 -12.09
N TYR C 23 35.82 -2.06 -12.47
CA TYR C 23 35.31 -0.97 -11.66
C TYR C 23 33.79 -0.98 -11.51
N LEU C 24 33.08 -1.91 -12.14
CA LEU C 24 31.63 -1.95 -12.03
C LEU C 24 31.19 -3.25 -11.36
N PRO C 25 30.15 -3.23 -10.54
CA PRO C 25 29.62 -4.47 -9.96
C PRO C 25 28.87 -5.31 -10.99
N ILE C 26 29.60 -5.95 -11.89
CA ILE C 26 28.98 -6.73 -12.96
C ILE C 26 28.54 -8.08 -12.41
N ALA C 27 27.26 -8.41 -12.61
CA ALA C 27 26.73 -9.67 -12.10
C ALA C 27 27.02 -10.84 -13.03
N GLY C 28 27.15 -10.58 -14.34
CA GLY C 28 27.40 -11.64 -15.28
C GLY C 28 27.37 -11.10 -16.70
N VAL C 29 27.37 -12.03 -17.65
CA VAL C 29 27.43 -11.70 -19.06
C VAL C 29 26.30 -12.43 -19.78
N THR C 30 25.54 -11.70 -20.58
CA THR C 30 24.50 -12.26 -21.43
C THR C 30 24.94 -12.16 -22.90
N THR C 31 24.51 -13.13 -23.70
CA THR C 31 24.83 -13.16 -25.12
C THR C 31 23.57 -13.42 -25.93
N ASN C 32 23.68 -13.15 -27.23
CA ASN C 32 22.63 -13.44 -28.18
C ASN C 32 23.28 -13.79 -29.51
N PRO C 33 22.58 -14.46 -30.42
CA PRO C 33 23.21 -14.88 -31.69
C PRO C 33 23.81 -13.74 -32.49
N THR C 34 23.22 -12.54 -32.44
CA THR C 34 23.77 -11.43 -33.21
C THR C 34 25.07 -10.91 -32.60
N ILE C 35 25.11 -10.75 -31.28
CA ILE C 35 26.33 -10.31 -30.62
C ILE C 35 27.40 -11.39 -30.72
N ALA C 36 27.02 -12.66 -30.56
CA ALA C 36 27.98 -13.75 -30.68
C ALA C 36 28.53 -13.86 -32.09
N ALA C 37 27.74 -13.48 -33.10
CA ALA C 37 28.22 -13.54 -34.47
C ALA C 37 29.25 -12.46 -34.76
N LYS C 38 29.16 -11.31 -34.08
CA LYS C 38 30.13 -10.25 -34.29
C LYS C 38 31.52 -10.66 -33.83
N SER C 39 31.61 -11.32 -32.67
CA SER C 39 32.91 -11.79 -32.19
C SER C 39 33.45 -12.93 -33.03
N ALA C 40 32.59 -13.66 -33.73
CA ALA C 40 32.99 -14.76 -34.63
C ALA C 40 33.81 -15.81 -33.90
N VAL C 41 33.42 -16.10 -32.66
CA VAL C 41 34.09 -17.09 -31.83
C VAL C 41 33.08 -18.15 -31.42
N LYS C 42 33.50 -19.41 -31.45
CA LYS C 42 32.60 -20.52 -31.12
C LYS C 42 32.23 -20.49 -29.63
N MET C 43 31.02 -20.98 -29.34
CA MET C 43 30.47 -20.83 -28.00
C MET C 43 31.21 -21.68 -26.98
N ASP C 44 31.71 -22.86 -27.38
CA ASP C 44 32.43 -23.71 -26.44
C ASP C 44 33.76 -23.12 -26.00
N VAL C 45 34.23 -22.07 -26.66
CA VAL C 45 35.49 -21.43 -26.31
C VAL C 45 35.27 -20.09 -25.61
N VAL C 46 34.32 -19.29 -26.09
CA VAL C 46 34.14 -17.97 -25.53
C VAL C 46 33.47 -18.04 -24.16
N LEU C 47 32.62 -19.04 -23.92
CA LEU C 47 31.95 -19.14 -22.63
C LEU C 47 32.92 -19.41 -21.50
N PRO C 48 33.88 -20.33 -21.60
CA PRO C 48 34.90 -20.43 -20.54
C PRO C 48 35.75 -19.18 -20.41
N GLN C 49 35.96 -18.44 -21.51
CA GLN C 49 36.70 -17.20 -21.44
C GLN C 49 35.92 -16.13 -20.69
N LEU C 50 34.62 -16.01 -20.95
CA LEU C 50 33.80 -15.05 -20.24
C LEU C 50 33.69 -15.37 -18.76
N ARG C 51 33.70 -16.66 -18.40
CA ARG C 51 33.66 -17.04 -17.00
C ARG C 51 34.91 -16.57 -16.27
N GLU C 52 36.09 -16.77 -16.87
CA GLU C 52 37.32 -16.31 -16.24
C GLU C 52 37.41 -14.79 -16.27
N ALA C 53 36.89 -14.15 -17.31
CA ALA C 53 36.91 -12.69 -17.37
C ALA C 53 35.97 -12.07 -16.34
N LEU C 54 34.89 -12.77 -15.98
CA LEU C 54 33.93 -12.22 -15.04
C LEU C 54 34.52 -12.13 -13.63
N GLY C 55 35.36 -13.09 -13.25
CA GLY C 55 36.00 -13.07 -11.96
C GLY C 55 35.26 -13.79 -10.86
N HIS C 56 34.01 -14.19 -11.09
CA HIS C 56 33.23 -14.92 -10.10
C HIS C 56 32.29 -15.87 -10.84
N ASP C 57 31.54 -16.65 -10.07
CA ASP C 57 30.61 -17.64 -10.64
C ASP C 57 29.26 -17.03 -10.98
N GLY C 58 29.24 -15.84 -11.56
CA GLY C 58 28.00 -15.23 -11.95
C GLY C 58 27.33 -15.96 -13.10
N LEU C 59 26.04 -15.68 -13.28
CA LEU C 59 25.27 -16.35 -14.30
C LEU C 59 25.69 -15.92 -15.69
N LEU C 60 25.83 -16.89 -16.59
CA LEU C 60 26.04 -16.65 -18.00
C LEU C 60 24.79 -17.04 -18.78
N PHE C 61 24.60 -16.42 -19.94
CA PHE C 61 23.39 -16.60 -20.73
C PHE C 61 23.76 -16.82 -22.19
N ALA C 62 23.24 -17.90 -22.77
CA ALA C 62 23.43 -18.24 -24.17
C ALA C 62 22.10 -18.65 -24.78
N GLN C 63 21.94 -18.36 -26.06
CA GLN C 63 20.67 -18.54 -26.75
C GLN C 63 20.78 -19.62 -27.82
N VAL C 64 19.69 -20.37 -27.98
CA VAL C 64 19.59 -21.39 -29.04
C VAL C 64 19.38 -20.70 -30.37
N ILE C 65 19.49 -21.45 -31.46
CA ILE C 65 19.34 -20.89 -32.80
C ILE C 65 18.38 -21.66 -33.68
N SER C 66 18.03 -22.89 -33.34
CA SER C 66 17.16 -23.69 -34.19
C SER C 66 15.73 -23.15 -34.14
N ASN C 67 14.89 -23.69 -35.03
CA ASN C 67 13.50 -23.29 -35.13
C ASN C 67 12.53 -24.34 -34.60
N ASP C 68 13.00 -25.54 -34.27
CA ASP C 68 12.15 -26.61 -33.77
C ASP C 68 12.50 -26.92 -32.32
N ALA C 69 11.48 -27.36 -31.58
CA ALA C 69 11.66 -27.59 -30.14
C ALA C 69 12.62 -28.75 -29.88
N ALA C 70 12.47 -29.85 -30.61
CA ALA C 70 13.33 -31.01 -30.40
C ALA C 70 14.79 -30.66 -30.60
N GLU C 71 15.09 -29.69 -31.47
CA GLU C 71 16.46 -29.24 -31.67
C GLU C 71 16.87 -28.16 -30.67
N MET C 72 15.93 -27.33 -30.22
CA MET C 72 16.23 -26.37 -29.17
C MET C 72 16.66 -27.07 -27.89
N ILE C 73 16.04 -28.22 -27.59
CA ILE C 73 16.38 -28.96 -26.40
C ILE C 73 17.80 -29.50 -26.49
N GLU C 74 18.19 -30.03 -27.65
CA GLU C 74 19.54 -30.55 -27.82
C GLU C 74 20.56 -29.42 -27.72
N GLU C 75 20.30 -28.29 -28.36
CA GLU C 75 21.20 -27.15 -28.26
C GLU C 75 21.28 -26.61 -26.84
N ALA C 76 20.17 -26.67 -26.09
CA ALA C 76 20.19 -26.21 -24.72
C ALA C 76 21.03 -27.13 -23.83
N LYS C 77 21.07 -28.42 -24.14
CA LYS C 77 21.86 -29.35 -23.35
C LYS C 77 23.35 -29.16 -23.61
N ARG C 78 23.74 -28.91 -24.86
CA ARG C 78 25.15 -28.70 -25.16
C ARG C 78 25.64 -27.37 -24.60
N LEU C 79 24.80 -26.33 -24.67
CA LEU C 79 25.17 -25.05 -24.08
C LEU C 79 25.34 -25.15 -22.57
N HIS C 80 24.46 -25.91 -21.91
CA HIS C 80 24.55 -26.08 -20.46
C HIS C 80 25.84 -26.80 -20.06
N GLY C 81 26.43 -27.58 -20.95
CA GLY C 81 27.65 -28.31 -20.67
C GLY C 81 28.93 -27.60 -21.03
N TYR C 82 28.86 -26.37 -21.54
CA TYR C 82 30.07 -25.65 -21.90
C TYR C 82 30.69 -24.95 -20.70
N VAL C 83 29.87 -24.42 -19.79
CA VAL C 83 30.34 -23.75 -18.58
C VAL C 83 29.37 -24.06 -17.45
N ASP C 84 29.74 -23.61 -16.25
CA ASP C 84 28.89 -23.72 -15.08
C ASP C 84 28.04 -22.47 -14.94
N ASN C 85 26.89 -22.62 -14.28
CA ASN C 85 25.97 -21.52 -14.01
C ASN C 85 25.57 -20.78 -15.28
N LEU C 86 25.11 -21.54 -16.26
CA LEU C 86 24.62 -20.98 -17.52
C LEU C 86 23.12 -21.21 -17.62
N ILE C 87 22.41 -20.17 -18.05
CA ILE C 87 20.98 -20.23 -18.31
C ILE C 87 20.76 -20.11 -19.82
N VAL C 88 19.92 -20.96 -20.36
CA VAL C 88 19.68 -21.02 -21.80
C VAL C 88 18.57 -20.04 -22.16
N LYS C 89 18.85 -19.16 -23.13
CA LYS C 89 17.86 -18.22 -23.63
C LYS C 89 17.08 -18.87 -24.77
N ILE C 90 15.76 -18.78 -24.71
CA ILE C 90 14.90 -19.39 -25.72
C ILE C 90 13.88 -18.36 -26.19
N PRO C 91 13.73 -18.14 -27.50
CA PRO C 91 12.71 -17.20 -27.98
C PRO C 91 11.31 -17.70 -27.64
N VAL C 92 10.45 -16.77 -27.23
CA VAL C 92 9.11 -17.12 -26.74
C VAL C 92 8.20 -17.15 -27.96
N ASN C 93 8.19 -18.30 -28.64
CA ASN C 93 7.22 -18.57 -29.70
C ASN C 93 6.56 -19.91 -29.47
N LYS C 94 5.88 -20.45 -30.49
CA LYS C 94 5.20 -21.72 -30.33
C LYS C 94 6.19 -22.86 -30.06
N GLU C 95 7.28 -22.92 -30.82
CA GLU C 95 8.27 -23.96 -30.60
C GLU C 95 9.10 -23.71 -29.34
N GLY C 96 9.36 -22.45 -29.03
CA GLY C 96 10.13 -22.14 -27.82
C GLY C 96 9.40 -22.55 -26.55
N LEU C 97 8.07 -22.43 -26.54
CA LEU C 97 7.31 -22.82 -25.37
C LEU C 97 7.29 -24.33 -25.20
N LYS C 98 7.43 -25.09 -26.29
CA LYS C 98 7.54 -26.54 -26.18
C LYS C 98 8.84 -26.94 -25.50
N ALA C 99 9.95 -26.28 -25.85
CA ALA C 99 11.23 -26.59 -25.23
C ALA C 99 11.24 -26.21 -23.76
N ILE C 100 10.70 -25.03 -23.42
CA ILE C 100 10.59 -24.63 -22.03
C ILE C 100 9.73 -25.63 -21.26
N LYS C 101 8.66 -26.10 -21.88
CA LYS C 101 7.80 -27.10 -21.25
C LYS C 101 8.58 -28.39 -20.98
N ALA C 102 9.38 -28.84 -21.95
CA ALA C 102 10.12 -30.08 -21.79
C ALA C 102 11.31 -29.89 -20.85
N LEU C 103 11.95 -28.72 -20.90
CA LEU C 103 13.09 -28.45 -20.02
C LEU C 103 12.68 -28.14 -18.59
N LYS C 104 11.38 -27.99 -18.32
CA LYS C 104 10.93 -27.76 -16.96
C LYS C 104 11.11 -29.03 -16.14
N GLY C 105 11.64 -28.88 -14.92
CA GLY C 105 11.94 -29.99 -14.06
C GLY C 105 13.35 -30.53 -14.19
N THR C 106 14.06 -30.19 -15.27
CA THR C 106 15.42 -30.63 -15.47
C THR C 106 16.38 -29.66 -14.79
N ASN C 107 17.67 -29.97 -14.86
CA ASN C 107 18.69 -29.11 -14.27
C ASN C 107 19.03 -27.90 -15.14
N ILE C 108 18.47 -27.81 -16.34
CA ILE C 108 18.77 -26.73 -17.26
C ILE C 108 17.73 -25.63 -17.05
N ARG C 109 18.17 -24.49 -16.51
CA ARG C 109 17.29 -23.35 -16.33
C ARG C 109 17.20 -22.56 -17.64
N THR C 110 16.02 -22.01 -17.90
CA THR C 110 15.75 -21.34 -19.16
C THR C 110 15.34 -19.89 -18.95
N LEU C 111 15.58 -19.07 -19.98
CA LEU C 111 15.13 -17.69 -20.02
C LEU C 111 14.31 -17.48 -21.28
N GLY C 112 13.18 -16.79 -21.15
CA GLY C 112 12.35 -16.47 -22.29
C GLY C 112 12.72 -15.12 -22.89
N THR C 113 13.34 -15.14 -24.07
CA THR C 113 13.80 -13.93 -24.74
C THR C 113 12.86 -13.59 -25.89
N ALA C 114 13.17 -12.47 -26.56
CA ALA C 114 12.37 -11.96 -27.67
C ALA C 114 10.93 -11.68 -27.25
N VAL C 115 10.77 -11.15 -26.04
CA VAL C 115 9.46 -10.84 -25.49
C VAL C 115 9.08 -9.42 -25.90
N TYR C 116 7.98 -9.28 -26.64
CA TYR C 116 7.50 -7.98 -27.07
C TYR C 116 6.20 -7.54 -26.40
N ASN C 117 5.55 -8.43 -25.66
CA ASN C 117 4.34 -8.08 -24.95
C ASN C 117 4.20 -8.97 -23.73
N ALA C 118 3.31 -8.55 -22.81
CA ALA C 118 3.14 -9.29 -21.57
C ALA C 118 2.47 -10.64 -21.76
N THR C 119 1.81 -10.86 -22.90
CA THR C 119 1.16 -12.15 -23.14
C THR C 119 2.19 -13.27 -23.23
N GLN C 120 3.22 -13.09 -24.06
CA GLN C 120 4.24 -14.13 -24.20
C GLN C 120 5.14 -14.19 -22.98
N GLY C 121 5.33 -13.07 -22.27
CA GLY C 121 6.08 -13.11 -21.03
C GLY C 121 5.39 -13.94 -19.97
N LEU C 122 4.07 -13.82 -19.86
CA LEU C 122 3.33 -14.60 -18.87
C LEU C 122 3.27 -16.07 -19.27
N LEU C 123 3.08 -16.36 -20.55
CA LEU C 123 3.02 -17.74 -21.00
C LEU C 123 4.34 -18.46 -20.79
N ALA C 124 5.45 -17.75 -21.00
CA ALA C 124 6.76 -18.36 -20.78
C ALA C 124 6.99 -18.62 -19.29
N GLY C 125 6.56 -17.70 -18.43
CA GLY C 125 6.72 -17.92 -17.00
C GLY C 125 5.89 -19.07 -16.49
N LEU C 126 4.64 -19.18 -16.96
CA LEU C 126 3.80 -20.31 -16.60
C LEU C 126 4.31 -21.63 -17.18
N ALA C 127 5.09 -21.57 -18.26
CA ALA C 127 5.62 -22.79 -18.87
C ALA C 127 6.81 -23.37 -18.12
N GLY C 128 7.49 -22.56 -17.30
CA GLY C 128 8.59 -23.07 -16.51
C GLY C 128 9.88 -22.28 -16.67
N ALA C 129 9.80 -21.12 -17.32
CA ALA C 129 10.98 -20.29 -17.51
C ALA C 129 11.32 -19.54 -16.23
N GLU C 130 12.61 -19.47 -15.92
CA GLU C 130 13.04 -18.76 -14.72
C GLU C 130 13.04 -17.25 -14.93
N PHE C 131 13.35 -16.79 -16.14
CA PHE C 131 13.34 -15.37 -16.46
C PHE C 131 12.65 -15.15 -17.80
N VAL C 132 12.19 -13.92 -18.00
CA VAL C 132 11.68 -13.46 -19.29
C VAL C 132 12.29 -12.11 -19.60
N ALA C 133 12.67 -11.91 -20.86
CA ALA C 133 13.45 -10.73 -21.25
C ALA C 133 12.69 -9.89 -22.27
N PRO C 134 12.02 -8.82 -21.85
CA PRO C 134 11.41 -7.90 -22.82
C PRO C 134 12.44 -6.99 -23.46
N TYR C 135 12.30 -6.79 -24.77
CA TYR C 135 13.16 -5.86 -25.51
C TYR C 135 12.56 -4.47 -25.37
N VAL C 136 13.02 -3.74 -24.34
CA VAL C 136 12.39 -2.47 -23.99
C VAL C 136 12.46 -1.48 -25.14
N ASN C 137 13.67 -1.23 -25.66
CA ASN C 137 13.84 -0.23 -26.70
C ASN C 137 13.16 -0.65 -28.00
N ARG C 138 13.14 -1.94 -28.30
CA ARG C 138 12.45 -2.40 -29.50
C ARG C 138 10.94 -2.27 -29.37
N ILE C 139 10.41 -2.43 -28.14
CA ILE C 139 8.99 -2.19 -27.93
C ILE C 139 8.67 -0.71 -28.07
N ASP C 140 9.53 0.16 -27.53
CA ASP C 140 9.34 1.59 -27.69
C ASP C 140 9.34 1.99 -29.16
N MET C 141 10.03 1.24 -30.00
CA MET C 141 10.08 1.54 -31.44
C MET C 141 8.79 1.16 -32.13
N LEU C 142 8.20 0.01 -31.76
CA LEU C 142 7.04 -0.53 -32.46
C LEU C 142 5.72 0.00 -31.91
N SER C 143 5.58 0.05 -30.58
CA SER C 143 4.33 0.50 -29.97
C SER C 143 4.51 1.59 -28.92
N GLY C 144 5.73 1.87 -28.48
CA GLY C 144 5.98 2.98 -27.58
C GLY C 144 5.49 2.80 -26.17
N ASN C 145 5.50 1.57 -25.66
CA ASN C 145 5.05 1.29 -24.29
C ASN C 145 5.97 0.25 -23.65
N GLY C 146 7.28 0.47 -23.76
CA GLY C 146 8.23 -0.50 -23.22
C GLY C 146 8.16 -0.60 -21.71
N ILE C 147 8.24 0.54 -21.03
CA ILE C 147 8.18 0.53 -19.57
C ILE C 147 6.81 0.06 -19.09
N GLN C 148 5.74 0.45 -19.78
CA GLN C 148 4.41 -0.01 -19.41
C GLN C 148 4.28 -1.52 -19.58
N THR C 149 4.90 -2.07 -20.63
CA THR C 149 4.87 -3.51 -20.83
C THR C 149 5.64 -4.24 -19.74
N VAL C 150 6.82 -3.73 -19.39
CA VAL C 150 7.61 -4.34 -18.31
C VAL C 150 6.85 -4.26 -16.99
N GLN C 151 6.23 -3.11 -16.71
CA GLN C 151 5.48 -2.94 -15.46
C GLN C 151 4.32 -3.93 -15.39
N SER C 152 3.57 -4.06 -16.48
CA SER C 152 2.45 -5.00 -16.49
C SER C 152 2.93 -6.44 -16.34
N LEU C 153 4.01 -6.80 -17.04
CA LEU C 153 4.51 -8.17 -16.98
C LEU C 153 5.02 -8.50 -15.58
N ALA C 154 5.71 -7.55 -14.94
CA ALA C 154 6.22 -7.79 -13.59
C ALA C 154 5.09 -8.03 -12.60
N LYS C 155 3.98 -7.30 -12.75
CA LYS C 155 2.83 -7.53 -11.87
C LYS C 155 2.18 -8.88 -12.14
N LEU C 156 2.00 -9.22 -13.42
CA LEU C 156 1.36 -10.49 -13.76
C LEU C 156 2.15 -11.68 -13.22
N LEU C 157 3.49 -11.62 -13.31
CA LEU C 157 4.32 -12.71 -12.80
C LEU C 157 4.23 -12.78 -11.28
N ALA C 158 4.36 -11.63 -10.61
CA ALA C 158 4.27 -11.61 -9.15
C ALA C 158 2.94 -12.17 -8.66
N LEU C 159 1.88 -12.00 -9.44
CA LEU C 159 0.57 -12.46 -8.98
C LEU C 159 0.31 -13.91 -9.34
N HIS C 160 0.78 -14.35 -10.52
CA HIS C 160 0.35 -15.61 -11.10
C HIS C 160 1.49 -16.59 -11.43
N ALA C 161 2.74 -16.13 -11.50
CA ALA C 161 3.87 -17.01 -11.76
C ALA C 161 5.11 -16.46 -11.04
N PRO C 162 5.09 -16.46 -9.70
CA PRO C 162 6.14 -15.76 -8.95
C PRO C 162 7.52 -16.40 -9.06
N HIS C 163 7.63 -17.62 -9.59
CA HIS C 163 8.94 -18.24 -9.78
C HIS C 163 9.65 -17.72 -11.02
N CYS C 164 9.01 -16.86 -11.80
CA CYS C 164 9.61 -16.25 -12.98
C CYS C 164 9.75 -14.74 -12.75
N LYS C 165 10.91 -14.20 -13.10
CA LYS C 165 11.20 -12.78 -12.94
C LYS C 165 11.39 -12.14 -14.31
N VAL C 166 11.38 -10.81 -14.31
CA VAL C 166 11.56 -10.02 -15.52
C VAL C 166 13.02 -9.60 -15.62
N PHE C 167 13.62 -9.84 -16.79
CA PHE C 167 15.02 -9.52 -17.05
C PHE C 167 15.05 -8.45 -18.14
N GLY C 168 15.22 -7.19 -17.72
CA GLY C 168 15.18 -6.10 -18.69
C GLY C 168 16.33 -6.18 -19.68
N ALA C 169 16.02 -5.95 -20.94
CA ALA C 169 17.01 -6.02 -22.01
C ALA C 169 16.71 -4.94 -23.05
N SER C 170 17.65 -4.77 -23.98
CA SER C 170 17.55 -3.80 -25.07
C SER C 170 17.37 -2.38 -24.55
N PHE C 171 18.48 -1.71 -24.24
CA PHE C 171 18.45 -0.37 -23.67
C PHE C 171 19.30 0.58 -24.49
N LYS C 172 18.92 1.87 -24.47
CA LYS C 172 19.65 2.92 -25.15
C LYS C 172 20.08 4.07 -24.24
N ASN C 173 19.51 4.19 -23.04
CA ASN C 173 19.90 5.26 -22.12
C ASN C 173 19.73 4.77 -20.69
N ASN C 174 20.24 5.57 -19.75
CA ASN C 174 20.24 5.17 -18.34
C ASN C 174 18.83 5.16 -17.75
N GLN C 175 17.97 6.06 -18.20
CA GLN C 175 16.64 6.17 -17.58
C GLN C 175 15.76 4.97 -17.95
N GLN C 176 15.93 4.41 -19.15
CA GLN C 176 15.24 3.17 -19.48
C GLN C 176 15.62 2.06 -18.50
N VAL C 177 16.91 1.95 -18.19
CA VAL C 177 17.38 0.91 -17.28
C VAL C 177 16.80 1.12 -15.89
N LEU C 178 16.91 2.34 -15.38
CA LEU C 178 16.46 2.62 -14.01
C LEU C 178 14.95 2.49 -13.88
N ASP C 179 14.20 2.87 -14.93
CA ASP C 179 12.75 2.72 -14.88
C ASP C 179 12.36 1.25 -14.79
N CYS C 180 13.08 0.39 -15.51
CA CYS C 180 12.77 -1.04 -15.47
C CYS C 180 13.01 -1.62 -14.08
N LEU C 181 14.15 -1.27 -13.47
CA LEU C 181 14.44 -1.71 -12.11
C LEU C 181 13.44 -1.16 -11.09
N GLN C 182 12.79 -0.04 -11.40
CA GLN C 182 11.84 0.56 -10.47
C GLN C 182 10.43 0.00 -10.60
N VAL C 183 10.10 -0.62 -11.73
CA VAL C 183 8.75 -1.13 -11.97
C VAL C 183 8.68 -2.65 -11.82
N GLY C 184 9.76 -3.30 -11.39
CA GLY C 184 9.67 -4.71 -11.05
C GLY C 184 10.68 -5.64 -11.69
N CYS C 185 11.67 -5.10 -12.39
CA CYS C 185 12.71 -5.94 -12.98
C CYS C 185 13.61 -6.48 -11.88
N GLU C 186 13.83 -7.81 -11.89
CA GLU C 186 14.77 -8.41 -10.96
C GLU C 186 16.19 -7.99 -11.29
N CYS C 187 16.51 -7.87 -12.57
CA CYS C 187 17.84 -7.50 -13.02
C CYS C 187 17.73 -6.99 -14.46
N VAL C 188 18.84 -6.43 -14.95
CA VAL C 188 18.91 -5.86 -16.28
C VAL C 188 20.23 -6.24 -16.93
N THR C 189 20.23 -6.25 -18.25
CA THR C 189 21.44 -6.39 -19.04
C THR C 189 21.54 -5.21 -20.00
N ILE C 190 22.74 -4.64 -20.08
CA ILE C 190 22.96 -3.45 -20.90
C ILE C 190 24.05 -3.72 -21.92
N PRO C 191 24.02 -3.10 -23.09
CA PRO C 191 25.11 -3.26 -24.05
C PRO C 191 26.38 -2.61 -23.53
N ALA C 192 27.51 -3.04 -24.08
CA ALA C 192 28.81 -2.58 -23.60
C ALA C 192 29.00 -1.08 -23.83
N ASP C 193 28.47 -0.57 -24.95
CA ASP C 193 28.60 0.86 -25.23
C ASP C 193 27.88 1.69 -24.17
N LEU C 194 26.73 1.22 -23.69
CA LEU C 194 26.03 1.92 -22.61
C LEU C 194 26.81 1.83 -21.31
N ALA C 195 27.40 0.66 -21.04
CA ALA C 195 28.13 0.48 -19.78
C ALA C 195 29.33 1.41 -19.68
N PHE C 196 30.02 1.63 -20.81
CA PHE C 196 31.16 2.53 -20.80
C PHE C 196 30.74 3.99 -20.70
N LYS C 197 29.46 4.31 -20.92
CA LYS C 197 28.96 5.67 -20.87
C LYS C 197 28.06 5.92 -19.66
N MET C 198 27.96 4.95 -18.75
CA MET C 198 27.06 5.10 -17.61
C MET C 198 27.50 6.23 -16.69
N LEU C 199 28.74 6.16 -16.20
CA LEU C 199 29.24 7.12 -15.23
C LEU C 199 29.68 8.45 -15.85
N ASP C 200 29.55 8.60 -17.17
CA ASP C 200 29.95 9.84 -17.84
C ASP C 200 29.04 10.97 -17.38
N ASN C 201 29.55 11.81 -16.48
CA ASN C 201 28.81 12.97 -15.98
C ASN C 201 29.80 14.12 -15.82
N PRO C 202 29.76 15.10 -16.73
CA PRO C 202 30.69 16.23 -16.61
C PRO C 202 30.52 17.03 -15.32
N ALA C 203 29.32 17.00 -14.73
CA ALA C 203 29.12 17.72 -13.47
C ALA C 203 29.92 17.09 -12.33
N VAL C 204 30.06 15.77 -12.35
CA VAL C 204 30.86 15.09 -11.32
C VAL C 204 32.33 15.48 -11.48
N ASP C 205 32.84 15.47 -12.71
CA ASP C 205 34.23 15.82 -12.95
C ASP C 205 34.50 17.28 -12.61
N ALA C 206 33.52 18.16 -12.86
CA ALA C 206 33.69 19.57 -12.54
C ALA C 206 33.69 19.80 -11.03
N ALA C 207 32.94 18.99 -10.27
CA ALA C 207 32.92 19.14 -8.83
C ALA C 207 34.21 18.63 -8.20
N VAL C 208 34.76 17.54 -8.73
CA VAL C 208 36.01 17.01 -8.20
C VAL C 208 37.16 17.97 -8.50
N GLU C 209 37.15 18.59 -9.67
CA GLU C 209 38.18 19.58 -9.99
C GLU C 209 38.06 20.81 -9.10
N GLN C 210 36.84 21.20 -8.72
CA GLN C 210 36.68 22.32 -7.80
C GLN C 210 37.17 21.96 -6.40
N PHE C 211 36.94 20.72 -5.98
CA PHE C 211 37.43 20.28 -4.68
C PHE C 211 38.96 20.33 -4.62
N GLN C 212 39.62 19.82 -5.66
CA GLN C 212 41.09 19.84 -5.68
C GLN C 212 41.62 21.26 -5.81
N SER C 213 40.89 22.15 -6.48
CA SER C 213 41.34 23.53 -6.62
C SER C 213 41.32 24.25 -5.28
N ASP C 214 40.26 24.06 -4.48
CA ASP C 214 40.19 24.69 -3.17
C ASP C 214 41.18 24.06 -2.20
N TRP C 215 41.45 22.76 -2.33
CA TRP C 215 42.39 22.11 -1.43
C TRP C 215 43.83 22.53 -1.72
N LYS C 216 44.15 22.82 -2.98
CA LYS C 216 45.49 23.31 -3.30
C LYS C 216 45.67 24.76 -2.88
N ALA C 217 44.58 25.53 -2.83
CA ALA C 217 44.68 26.94 -2.44
C ALA C 217 44.94 27.10 -0.94
N ALA C 218 44.53 26.11 -0.14
CA ALA C 218 44.68 26.18 1.31
C ALA C 218 45.91 25.45 1.81
N TYR C 219 46.10 24.21 1.37
CA TYR C 219 47.21 23.38 1.85
C TYR C 219 48.38 23.33 0.89
N GLY C 220 48.27 23.96 -0.28
CA GLY C 220 49.39 24.01 -1.20
C GLY C 220 49.76 22.67 -1.81
N ARG C 221 48.89 21.68 -1.66
CA ARG C 221 49.19 20.33 -2.13
C ARG C 221 47.88 19.58 -2.25
N LEU C 222 47.97 18.38 -2.84
CA LEU C 222 46.87 17.44 -2.91
C LEU C 222 47.01 16.32 -1.88
N ASP C 223 47.77 16.56 -0.82
CA ASP C 223 48.01 15.56 0.21
C ASP C 223 47.02 15.72 1.36
N ILE C 224 46.86 14.64 2.12
CA ILE C 224 45.92 14.61 3.23
C ILE C 224 46.33 13.56 4.25
N GLY D 3 -17.27 -14.34 7.58
CA GLY D 3 -17.98 -15.59 7.80
C GLY D 3 -19.28 -15.69 7.03
N GLY D 4 -19.45 -14.79 6.06
CA GLY D 4 -20.64 -14.77 5.24
C GLY D 4 -21.78 -13.94 5.76
N MET D 5 -21.63 -13.31 6.93
CA MET D 5 -22.67 -12.46 7.49
C MET D 5 -22.47 -11.04 6.95
N LYS D 6 -23.04 -10.81 5.76
CA LYS D 6 -22.81 -9.58 5.04
C LYS D 6 -24.07 -8.86 4.61
N ILE D 7 -25.08 -9.58 4.11
CA ILE D 7 -26.28 -8.98 3.56
C ILE D 7 -27.41 -9.18 4.58
N TYR D 8 -27.88 -8.07 5.15
CA TYR D 8 -29.00 -8.07 6.07
C TYR D 8 -30.22 -7.45 5.41
N ILE D 9 -31.40 -7.84 5.88
CA ILE D 9 -32.67 -7.39 5.33
C ILE D 9 -33.36 -6.49 6.34
N ASP D 10 -33.79 -5.31 5.88
CA ASP D 10 -34.41 -4.31 6.74
C ASP D 10 -35.92 -4.37 6.55
N THR D 11 -36.57 -5.21 7.37
CA THR D 11 -38.01 -5.39 7.27
C THR D 11 -38.53 -5.93 8.59
N ALA D 12 -39.85 -5.88 8.74
CA ALA D 12 -40.54 -6.50 9.87
C ALA D 12 -41.58 -7.52 9.42
N ASP D 13 -41.73 -7.75 8.12
CA ASP D 13 -42.69 -8.71 7.60
C ASP D 13 -42.06 -10.09 7.59
N VAL D 14 -42.70 -11.04 8.28
CA VAL D 14 -42.13 -12.38 8.41
C VAL D 14 -42.13 -13.11 7.07
N ASN D 15 -43.18 -12.91 6.27
CA ASN D 15 -43.29 -13.63 5.01
C ASN D 15 -42.21 -13.19 4.02
N GLU D 16 -41.85 -11.90 4.02
CA GLU D 16 -40.79 -11.44 3.14
C GLU D 16 -39.44 -12.05 3.53
N VAL D 17 -39.24 -12.32 4.81
CA VAL D 17 -37.98 -12.95 5.24
C VAL D 17 -37.91 -14.39 4.76
N LYS D 18 -39.00 -15.15 4.93
CA LYS D 18 -39.01 -16.53 4.50
C LYS D 18 -38.83 -16.67 2.99
N THR D 19 -39.37 -15.72 2.22
CA THR D 19 -39.22 -15.78 0.77
C THR D 19 -37.80 -15.43 0.35
N LEU D 20 -37.23 -14.36 0.92
CA LEU D 20 -35.93 -13.88 0.48
C LEU D 20 -34.80 -14.81 0.94
N VAL D 21 -34.93 -15.39 2.15
CA VAL D 21 -33.88 -16.26 2.65
C VAL D 21 -33.86 -17.60 1.90
N SER D 22 -34.91 -17.92 1.16
CA SER D 22 -34.96 -19.20 0.44
C SER D 22 -34.05 -19.21 -0.77
N TYR D 23 -33.63 -18.05 -1.27
CA TYR D 23 -32.72 -18.01 -2.41
C TYR D 23 -31.61 -16.97 -2.29
N LEU D 24 -31.58 -16.18 -1.22
CA LEU D 24 -30.52 -15.20 -1.03
C LEU D 24 -29.72 -15.50 0.23
N PRO D 25 -28.41 -15.24 0.22
CA PRO D 25 -27.61 -15.44 1.43
C PRO D 25 -27.87 -14.36 2.47
N ILE D 26 -29.03 -14.44 3.13
CA ILE D 26 -29.43 -13.43 4.11
C ILE D 26 -28.73 -13.72 5.43
N ALA D 27 -28.09 -12.69 6.00
CA ALA D 27 -27.36 -12.84 7.25
C ALA D 27 -28.21 -12.59 8.48
N GLY D 28 -29.28 -11.80 8.35
CA GLY D 28 -30.12 -11.49 9.47
C GLY D 28 -31.10 -10.38 9.12
N VAL D 29 -31.84 -9.95 10.13
CA VAL D 29 -32.92 -8.97 9.96
C VAL D 29 -32.64 -7.77 10.87
N THR D 30 -32.83 -6.58 10.32
CA THR D 30 -32.77 -5.33 11.07
C THR D 30 -34.13 -4.65 11.03
N THR D 31 -34.45 -3.94 12.12
CA THR D 31 -35.71 -3.20 12.21
C THR D 31 -35.44 -1.81 12.76
N ASN D 32 -36.41 -0.93 12.53
CA ASN D 32 -36.42 0.41 13.10
C ASN D 32 -37.86 0.73 13.48
N PRO D 33 -38.06 1.75 14.33
CA PRO D 33 -39.44 2.06 14.78
C PRO D 33 -40.43 2.29 13.64
N THR D 34 -39.99 2.87 12.52
CA THR D 34 -40.91 3.12 11.41
C THR D 34 -41.32 1.81 10.74
N ILE D 35 -40.36 0.94 10.45
CA ILE D 35 -40.68 -0.34 9.82
C ILE D 35 -41.51 -1.22 10.74
N ALA D 36 -41.17 -1.23 12.03
CA ALA D 36 -41.95 -2.02 12.99
C ALA D 36 -43.36 -1.46 13.15
N ALA D 37 -43.52 -0.14 13.05
CA ALA D 37 -44.85 0.44 13.15
C ALA D 37 -45.71 0.11 11.94
N LYS D 38 -45.09 -0.10 10.77
CA LYS D 38 -45.85 -0.46 9.58
C LYS D 38 -46.54 -1.80 9.74
N SER D 39 -45.84 -2.80 10.29
CA SER D 39 -46.44 -4.10 10.52
C SER D 39 -47.43 -4.09 11.67
N ALA D 40 -47.33 -3.11 12.58
CA ALA D 40 -48.26 -2.95 13.70
C ALA D 40 -48.32 -4.21 14.56
N VAL D 41 -47.15 -4.79 14.85
CA VAL D 41 -47.04 -5.97 15.68
C VAL D 41 -46.04 -5.69 16.80
N LYS D 42 -46.37 -6.13 18.01
CA LYS D 42 -45.53 -5.86 19.17
C LYS D 42 -44.17 -6.56 19.03
N MET D 43 -43.15 -5.94 19.61
CA MET D 43 -41.78 -6.40 19.40
C MET D 43 -41.53 -7.75 20.05
N ASP D 44 -42.13 -7.99 21.23
CA ASP D 44 -41.91 -9.25 21.93
C ASP D 44 -42.57 -10.45 21.23
N VAL D 45 -43.25 -10.23 20.11
CA VAL D 45 -43.88 -11.30 19.35
C VAL D 45 -43.28 -11.44 17.95
N VAL D 46 -43.02 -10.31 17.28
CA VAL D 46 -42.51 -10.38 15.91
C VAL D 46 -41.04 -10.78 15.90
N LEU D 47 -40.30 -10.43 16.95
CA LEU D 47 -38.87 -10.80 16.99
C LEU D 47 -38.67 -12.30 17.04
N PRO D 48 -39.39 -13.08 17.85
CA PRO D 48 -39.26 -14.54 17.74
C PRO D 48 -39.70 -15.07 16.39
N GLN D 49 -40.66 -14.42 15.74
CA GLN D 49 -41.10 -14.84 14.41
C GLN D 49 -40.04 -14.55 13.35
N LEU D 50 -39.24 -13.50 13.54
CA LEU D 50 -38.20 -13.19 12.58
C LEU D 50 -37.01 -14.12 12.71
N ARG D 51 -36.69 -14.57 13.93
CA ARG D 51 -35.65 -15.58 14.10
C ARG D 51 -36.05 -16.90 13.45
N GLU D 52 -37.30 -17.32 13.64
CA GLU D 52 -37.77 -18.56 13.02
C GLU D 52 -37.78 -18.44 11.51
N ALA D 53 -38.20 -17.29 10.99
CA ALA D 53 -38.24 -17.09 9.53
C ALA D 53 -36.85 -17.08 8.92
N LEU D 54 -35.84 -16.64 9.67
CA LEU D 54 -34.49 -16.55 9.12
C LEU D 54 -33.92 -17.92 8.83
N GLY D 55 -34.14 -18.90 9.72
CA GLY D 55 -33.69 -20.25 9.52
C GLY D 55 -32.35 -20.58 10.13
N HIS D 56 -31.55 -19.57 10.51
CA HIS D 56 -30.25 -19.80 11.12
C HIS D 56 -30.07 -18.81 12.26
N ASP D 57 -28.95 -18.93 12.97
CA ASP D 57 -28.68 -18.13 14.15
C ASP D 57 -28.03 -16.79 13.76
N GLY D 58 -28.75 -16.03 12.93
CA GLY D 58 -28.27 -14.74 12.50
C GLY D 58 -28.59 -13.65 13.50
N LEU D 59 -27.92 -12.50 13.32
CA LEU D 59 -28.10 -11.37 14.22
C LEU D 59 -29.39 -10.63 13.90
N LEU D 60 -30.12 -10.26 14.95
CA LEU D 60 -31.30 -9.42 14.84
C LEU D 60 -31.01 -8.06 15.46
N PHE D 61 -31.65 -7.02 14.91
CA PHE D 61 -31.42 -5.66 15.34
C PHE D 61 -32.75 -4.98 15.63
N ALA D 62 -32.86 -4.38 16.82
CA ALA D 62 -34.05 -3.64 17.22
C ALA D 62 -33.61 -2.33 17.86
N GLN D 63 -34.45 -1.30 17.72
CA GLN D 63 -34.09 0.07 18.08
C GLN D 63 -34.94 0.55 19.25
N VAL D 64 -34.32 1.31 20.14
CA VAL D 64 -35.06 1.93 21.24
C VAL D 64 -35.85 3.11 20.71
N ILE D 65 -36.80 3.58 21.52
CA ILE D 65 -37.68 4.66 21.12
C ILE D 65 -37.65 5.85 22.07
N SER D 66 -37.28 5.66 23.33
CA SER D 66 -37.29 6.76 24.28
C SER D 66 -36.13 7.70 24.03
N ASN D 67 -36.32 8.97 24.43
CA ASN D 67 -35.30 10.00 24.29
C ASN D 67 -34.43 10.15 25.52
N ASP D 68 -34.73 9.43 26.60
CA ASP D 68 -33.98 9.53 27.84
C ASP D 68 -33.00 8.36 27.97
N ALA D 69 -31.77 8.67 28.40
CA ALA D 69 -30.72 7.65 28.44
C ALA D 69 -31.08 6.54 29.42
N ALA D 70 -31.50 6.91 30.64
CA ALA D 70 -31.88 5.89 31.61
C ALA D 70 -33.06 5.05 31.11
N GLU D 71 -33.91 5.64 30.27
CA GLU D 71 -35.03 4.89 29.70
C GLU D 71 -34.59 4.07 28.49
N MET D 72 -33.57 4.53 27.76
CA MET D 72 -33.02 3.70 26.68
C MET D 72 -32.38 2.45 27.23
N ILE D 73 -31.71 2.55 28.38
CA ILE D 73 -31.05 1.39 28.97
C ILE D 73 -32.07 0.37 29.42
N GLU D 74 -33.19 0.82 29.98
CA GLU D 74 -34.26 -0.09 30.36
C GLU D 74 -34.84 -0.81 29.15
N GLU D 75 -35.09 -0.06 28.08
CA GLU D 75 -35.64 -0.68 26.87
C GLU D 75 -34.63 -1.58 26.19
N ALA D 76 -33.34 -1.26 26.30
CA ALA D 76 -32.31 -2.12 25.70
C ALA D 76 -32.26 -3.48 26.38
N LYS D 77 -32.45 -3.51 27.70
CA LYS D 77 -32.43 -4.78 28.42
C LYS D 77 -33.66 -5.62 28.08
N ARG D 78 -34.81 -4.98 27.92
CA ARG D 78 -36.02 -5.72 27.57
C ARG D 78 -35.94 -6.28 26.16
N LEU D 79 -35.42 -5.50 25.21
CA LEU D 79 -35.26 -5.99 23.84
C LEU D 79 -34.27 -7.14 23.78
N HIS D 80 -33.18 -7.06 24.56
CA HIS D 80 -32.18 -8.12 24.56
C HIS D 80 -32.76 -9.43 25.07
N GLY D 81 -33.78 -9.37 25.94
CA GLY D 81 -34.42 -10.55 26.45
C GLY D 81 -35.59 -11.07 25.64
N TYR D 82 -35.99 -10.34 24.59
CA TYR D 82 -37.10 -10.79 23.75
C TYR D 82 -36.69 -11.95 22.85
N VAL D 83 -35.45 -11.95 22.36
CA VAL D 83 -34.95 -12.97 21.45
C VAL D 83 -33.47 -13.18 21.69
N ASP D 84 -32.92 -14.21 21.05
CA ASP D 84 -31.51 -14.54 21.13
C ASP D 84 -30.74 -13.85 20.02
N ASN D 85 -29.50 -13.46 20.32
CA ASN D 85 -28.60 -12.83 19.35
C ASN D 85 -29.21 -11.56 18.78
N LEU D 86 -29.58 -10.65 19.67
CA LEU D 86 -30.14 -9.36 19.30
C LEU D 86 -29.17 -8.25 19.69
N ILE D 87 -28.96 -7.31 18.78
CA ILE D 87 -28.14 -6.13 19.02
C ILE D 87 -29.06 -4.92 19.08
N VAL D 88 -28.90 -4.10 20.12
CA VAL D 88 -29.78 -2.96 20.36
C VAL D 88 -29.27 -1.76 19.55
N LYS D 89 -30.17 -1.15 18.79
CA LYS D 89 -29.85 0.04 18.02
C LYS D 89 -30.16 1.29 18.84
N ILE D 90 -29.18 2.20 18.93
CA ILE D 90 -29.30 3.41 19.74
C ILE D 90 -28.96 4.61 18.87
N PRO D 91 -29.84 5.60 18.76
CA PRO D 91 -29.50 6.78 17.95
C PRO D 91 -28.34 7.55 18.56
N VAL D 92 -27.41 7.97 17.71
CA VAL D 92 -26.21 8.66 18.18
C VAL D 92 -26.52 10.12 18.44
N ASN D 93 -27.02 10.41 19.63
CA ASN D 93 -27.16 11.79 20.09
C ASN D 93 -26.62 11.89 21.51
N LYS D 94 -26.89 13.00 22.20
CA LYS D 94 -26.37 13.20 23.55
C LYS D 94 -26.82 12.09 24.48
N GLU D 95 -28.14 11.88 24.57
CA GLU D 95 -28.65 10.82 25.44
C GLU D 95 -28.29 9.43 24.91
N GLY D 96 -28.14 9.30 23.58
CA GLY D 96 -27.80 8.01 23.03
C GLY D 96 -26.41 7.54 23.44
N LEU D 97 -25.43 8.46 23.44
CA LEU D 97 -24.08 8.09 23.84
C LEU D 97 -24.01 7.70 25.31
N LYS D 98 -24.85 8.30 26.16
CA LYS D 98 -24.90 7.88 27.56
C LYS D 98 -25.31 6.41 27.68
N ALA D 99 -26.31 5.99 26.91
CA ALA D 99 -26.73 4.59 26.95
C ALA D 99 -25.66 3.68 26.38
N ILE D 100 -25.00 4.10 25.30
CA ILE D 100 -23.90 3.32 24.75
C ILE D 100 -22.76 3.21 25.74
N LYS D 101 -22.47 4.31 26.45
CA LYS D 101 -21.41 4.29 27.45
C LYS D 101 -21.73 3.35 28.59
N ALA D 102 -22.95 3.42 29.12
CA ALA D 102 -23.32 2.58 30.25
C ALA D 102 -23.39 1.11 29.87
N LEU D 103 -23.85 0.81 28.66
CA LEU D 103 -23.97 -0.57 28.21
C LEU D 103 -22.63 -1.15 27.76
N LYS D 104 -21.58 -0.35 27.70
CA LYS D 104 -20.26 -0.87 27.36
C LYS D 104 -19.76 -1.82 28.43
N GLY D 105 -19.13 -2.91 28.00
CA GLY D 105 -18.62 -3.91 28.91
C GLY D 105 -19.61 -5.01 29.27
N THR D 106 -20.91 -4.74 29.17
CA THR D 106 -21.92 -5.74 29.46
C THR D 106 -22.09 -6.68 28.26
N ASN D 107 -23.03 -7.60 28.38
CA ASN D 107 -23.32 -8.56 27.32
C ASN D 107 -24.33 -8.04 26.30
N ILE D 108 -24.74 -6.79 26.42
CA ILE D 108 -25.69 -6.18 25.50
C ILE D 108 -24.87 -5.39 24.47
N ARG D 109 -24.71 -5.97 23.28
CA ARG D 109 -24.03 -5.29 22.19
C ARG D 109 -24.94 -4.22 21.59
N THR D 110 -24.34 -3.09 21.22
CA THR D 110 -25.10 -1.94 20.75
C THR D 110 -24.66 -1.54 19.35
N LEU D 111 -25.58 -0.88 18.65
CA LEU D 111 -25.31 -0.30 17.34
C LEU D 111 -25.69 1.17 17.38
N GLY D 112 -24.78 2.03 16.92
CA GLY D 112 -25.07 3.45 16.81
C GLY D 112 -25.71 3.79 15.48
N THR D 113 -27.02 4.01 15.49
CA THR D 113 -27.77 4.26 14.28
C THR D 113 -28.00 5.76 14.09
N ALA D 114 -28.69 6.11 12.99
CA ALA D 114 -29.01 7.49 12.64
C ALA D 114 -27.74 8.33 12.51
N VAL D 115 -26.69 7.73 11.93
CA VAL D 115 -25.43 8.43 11.72
C VAL D 115 -25.49 9.21 10.42
N TYR D 116 -25.22 10.51 10.49
CA TYR D 116 -25.23 11.37 9.32
C TYR D 116 -23.85 11.93 8.98
N ASN D 117 -22.88 11.84 9.88
CA ASN D 117 -21.52 12.28 9.60
C ASN D 117 -20.53 11.39 10.33
N ALA D 118 -19.28 11.48 9.94
CA ALA D 118 -18.23 10.65 10.55
C ALA D 118 -17.96 11.04 11.99
N THR D 119 -18.34 12.25 12.41
CA THR D 119 -18.08 12.68 13.78
C THR D 119 -18.89 11.86 14.77
N GLN D 120 -20.20 11.73 14.53
CA GLN D 120 -21.04 10.96 15.45
C GLN D 120 -20.74 9.47 15.37
N GLY D 121 -20.31 8.99 14.20
CA GLY D 121 -19.94 7.59 14.10
C GLY D 121 -18.68 7.26 14.87
N LEU D 122 -17.71 8.17 14.86
CA LEU D 122 -16.47 7.94 15.60
C LEU D 122 -16.70 8.02 17.11
N LEU D 123 -17.52 8.98 17.54
CA LEU D 123 -17.79 9.12 18.97
C LEU D 123 -18.53 7.90 19.51
N ALA D 124 -19.47 7.35 18.72
CA ALA D 124 -20.18 6.16 19.15
C ALA D 124 -19.24 4.95 19.24
N GLY D 125 -18.31 4.83 18.29
CA GLY D 125 -17.34 3.75 18.36
C GLY D 125 -16.43 3.86 19.56
N LEU D 126 -16.00 5.08 19.89
CA LEU D 126 -15.19 5.29 21.09
C LEU D 126 -16.00 5.05 22.36
N ALA D 127 -17.32 5.30 22.32
CA ALA D 127 -18.14 5.10 23.50
C ALA D 127 -18.41 3.64 23.80
N GLY D 128 -18.17 2.74 22.84
CA GLY D 128 -18.31 1.32 23.09
C GLY D 128 -19.26 0.60 22.18
N ALA D 129 -19.72 1.26 21.12
CA ALA D 129 -20.62 0.63 20.16
C ALA D 129 -19.86 -0.35 19.27
N GLU D 130 -20.48 -1.50 19.00
CA GLU D 130 -19.86 -2.49 18.13
C GLU D 130 -20.07 -2.14 16.66
N PHE D 131 -21.19 -1.48 16.33
CA PHE D 131 -21.49 -1.06 14.97
C PHE D 131 -21.97 0.37 14.96
N VAL D 132 -21.73 1.06 13.85
CA VAL D 132 -22.32 2.37 13.58
C VAL D 132 -22.93 2.32 12.18
N ALA D 133 -24.11 2.92 12.05
CA ALA D 133 -24.91 2.77 10.83
C ALA D 133 -25.19 4.12 10.18
N PRO D 134 -24.41 4.52 9.18
CA PRO D 134 -24.73 5.76 8.46
C PRO D 134 -25.91 5.55 7.51
N TYR D 135 -26.75 6.58 7.40
CA TYR D 135 -27.88 6.56 6.48
C TYR D 135 -27.38 7.07 5.13
N VAL D 136 -26.94 6.14 4.28
CA VAL D 136 -26.21 6.51 3.07
C VAL D 136 -27.07 7.38 2.15
N ASN D 137 -28.29 6.91 1.84
CA ASN D 137 -29.12 7.66 0.90
C ASN D 137 -29.61 8.97 1.50
N ARG D 138 -29.86 9.01 2.81
CA ARG D 138 -30.27 10.26 3.44
C ARG D 138 -29.13 11.28 3.45
N ILE D 139 -27.89 10.81 3.57
CA ILE D 139 -26.75 11.73 3.46
C ILE D 139 -26.64 12.26 2.04
N ASP D 140 -26.86 11.41 1.04
CA ASP D 140 -26.85 11.88 -0.34
C ASP D 140 -27.92 12.94 -0.57
N MET D 141 -29.06 12.80 0.09
CA MET D 141 -30.12 13.80 -0.05
C MET D 141 -29.71 15.13 0.58
N LEU D 142 -29.10 15.08 1.76
CA LEU D 142 -28.82 16.29 2.54
C LEU D 142 -27.51 16.96 2.16
N SER D 143 -26.46 16.18 1.86
CA SER D 143 -25.17 16.76 1.54
C SER D 143 -24.45 16.10 0.38
N GLY D 144 -25.00 15.03 -0.21
CA GLY D 144 -24.43 14.47 -1.41
C GLY D 144 -23.08 13.80 -1.27
N ASN D 145 -22.72 13.35 -0.07
CA ASN D 145 -21.44 12.69 0.14
C ASN D 145 -21.63 11.44 1.02
N GLY D 146 -22.60 10.61 0.64
CA GLY D 146 -22.87 9.41 1.43
C GLY D 146 -21.73 8.43 1.43
N ILE D 147 -21.20 8.12 0.25
CA ILE D 147 -20.10 7.17 0.15
C ILE D 147 -18.83 7.74 0.77
N GLN D 148 -18.56 9.03 0.53
CA GLN D 148 -17.38 9.65 1.13
C GLN D 148 -17.44 9.65 2.65
N THR D 149 -18.64 9.77 3.22
CA THR D 149 -18.78 9.72 4.67
C THR D 149 -18.52 8.31 5.19
N VAL D 150 -19.04 7.30 4.51
CA VAL D 150 -18.79 5.91 4.90
C VAL D 150 -17.30 5.59 4.81
N GLN D 151 -16.65 6.05 3.75
CA GLN D 151 -15.23 5.78 3.58
C GLN D 151 -14.40 6.43 4.69
N SER D 152 -14.70 7.69 4.99
CA SER D 152 -13.96 8.39 6.05
C SER D 152 -14.20 7.74 7.40
N LEU D 153 -15.44 7.38 7.69
CA LEU D 153 -15.77 6.78 8.99
C LEU D 153 -15.07 5.44 9.17
N ALA D 154 -15.11 4.59 8.15
CA ALA D 154 -14.46 3.28 8.25
C ALA D 154 -12.95 3.42 8.44
N LYS D 155 -12.34 4.40 7.77
CA LYS D 155 -10.91 4.64 7.93
C LYS D 155 -10.59 5.15 9.33
N LEU D 156 -11.45 6.02 9.87
CA LEU D 156 -11.23 6.55 11.21
C LEU D 156 -11.38 5.45 12.27
N LEU D 157 -12.34 4.55 12.08
CA LEU D 157 -12.54 3.47 13.06
C LEU D 157 -11.40 2.47 13.03
N ALA D 158 -10.91 2.13 11.84
CA ALA D 158 -9.80 1.19 11.75
C ALA D 158 -8.55 1.73 12.44
N LEU D 159 -8.38 3.04 12.49
CA LEU D 159 -7.17 3.61 13.08
C LEU D 159 -7.33 3.83 14.58
N HIS D 160 -8.52 4.25 15.03
CA HIS D 160 -8.69 4.77 16.38
C HIS D 160 -9.71 4.02 17.23
N ALA D 161 -10.56 3.17 16.63
CA ALA D 161 -11.53 2.39 17.40
C ALA D 161 -11.87 1.13 16.62
N PRO D 162 -10.91 0.20 16.50
CA PRO D 162 -11.11 -0.95 15.61
C PRO D 162 -12.15 -1.95 16.11
N HIS D 163 -12.62 -1.82 17.35
CA HIS D 163 -13.69 -2.69 17.83
C HIS D 163 -15.05 -2.30 17.27
N CYS D 164 -15.13 -1.20 16.53
CA CYS D 164 -16.38 -0.71 15.94
C CYS D 164 -16.27 -0.77 14.43
N LYS D 165 -17.26 -1.39 13.79
CA LYS D 165 -17.32 -1.49 12.34
C LYS D 165 -18.51 -0.70 11.80
N VAL D 166 -18.43 -0.32 10.53
CA VAL D 166 -19.47 0.45 9.88
C VAL D 166 -20.51 -0.51 9.32
N PHE D 167 -21.79 -0.19 9.53
CA PHE D 167 -22.92 -1.01 9.10
C PHE D 167 -23.74 -0.15 8.14
N GLY D 168 -23.56 -0.38 6.84
CA GLY D 168 -24.24 0.46 5.86
C GLY D 168 -25.75 0.29 5.92
N ALA D 169 -26.45 1.42 5.76
CA ALA D 169 -27.91 1.43 5.80
C ALA D 169 -28.44 2.49 4.84
N SER D 170 -29.76 2.48 4.65
CA SER D 170 -30.45 3.45 3.81
C SER D 170 -29.93 3.42 2.37
N PHE D 171 -30.46 2.50 1.56
CA PHE D 171 -30.01 2.32 0.18
C PHE D 171 -31.19 2.38 -0.77
N LYS D 172 -30.92 2.86 -1.98
CA LYS D 172 -31.92 2.92 -3.04
C LYS D 172 -31.54 2.14 -4.29
N ASN D 173 -30.28 1.78 -4.47
CA ASN D 173 -29.85 0.99 -5.62
C ASN D 173 -28.65 0.14 -5.25
N ASN D 174 -28.35 -0.83 -6.11
CA ASN D 174 -27.26 -1.76 -5.83
C ASN D 174 -25.90 -1.08 -5.82
N GLN D 175 -25.72 -0.03 -6.63
CA GLN D 175 -24.44 0.64 -6.70
C GLN D 175 -24.06 1.27 -5.37
N GLN D 176 -25.06 1.81 -4.65
CA GLN D 176 -24.79 2.34 -3.31
C GLN D 176 -24.34 1.23 -2.37
N VAL D 177 -24.99 0.06 -2.45
CA VAL D 177 -24.65 -1.05 -1.55
C VAL D 177 -23.23 -1.53 -1.81
N LEU D 178 -22.88 -1.71 -3.08
CA LEU D 178 -21.56 -2.24 -3.41
C LEU D 178 -20.46 -1.24 -3.09
N ASP D 179 -20.72 0.06 -3.28
CA ASP D 179 -19.72 1.07 -2.96
C ASP D 179 -19.38 1.06 -1.47
N CYS D 180 -20.39 0.91 -0.62
CA CYS D 180 -20.15 0.89 0.82
C CYS D 180 -19.31 -0.31 1.23
N LEU D 181 -19.65 -1.49 0.70
CA LEU D 181 -18.86 -2.68 0.99
C LEU D 181 -17.44 -2.56 0.46
N GLN D 182 -17.23 -1.74 -0.57
CA GLN D 182 -15.91 -1.61 -1.17
C GLN D 182 -15.04 -0.57 -0.47
N VAL D 183 -15.64 0.34 0.30
CA VAL D 183 -14.88 1.40 0.95
C VAL D 183 -14.65 1.16 2.43
N GLY D 184 -15.12 0.03 2.98
CA GLY D 184 -14.78 -0.30 4.34
C GLY D 184 -15.90 -0.81 5.23
N CYS D 185 -17.12 -0.90 4.69
CA CYS D 185 -18.22 -1.43 5.49
C CYS D 185 -17.98 -2.90 5.80
N GLU D 186 -18.33 -3.30 7.03
CA GLU D 186 -18.29 -4.71 7.38
C GLU D 186 -19.51 -5.46 6.85
N CYS D 187 -20.65 -4.79 6.77
CA CYS D 187 -21.88 -5.38 6.27
C CYS D 187 -22.85 -4.27 5.92
N VAL D 188 -23.98 -4.66 5.32
CA VAL D 188 -25.02 -3.73 4.90
C VAL D 188 -26.39 -4.34 5.20
N THR D 189 -27.38 -3.46 5.32
CA THR D 189 -28.77 -3.86 5.43
C THR D 189 -29.56 -3.16 4.33
N ILE D 190 -30.39 -3.92 3.63
CA ILE D 190 -31.09 -3.40 2.45
C ILE D 190 -32.60 -3.52 2.64
N PRO D 191 -33.39 -2.60 2.12
CA PRO D 191 -34.85 -2.73 2.23
C PRO D 191 -35.36 -3.88 1.39
N ALA D 192 -36.57 -4.32 1.73
CA ALA D 192 -37.16 -5.50 1.07
C ALA D 192 -37.34 -5.27 -0.42
N ASP D 193 -37.81 -4.08 -0.81
CA ASP D 193 -38.05 -3.81 -2.22
C ASP D 193 -36.75 -3.84 -3.02
N LEU D 194 -35.63 -3.44 -2.41
CA LEU D 194 -34.35 -3.53 -3.10
C LEU D 194 -33.87 -4.96 -3.19
N ALA D 195 -34.13 -5.77 -2.15
CA ALA D 195 -33.69 -7.16 -2.16
C ALA D 195 -34.40 -7.96 -3.24
N PHE D 196 -35.69 -7.70 -3.46
CA PHE D 196 -36.43 -8.40 -4.50
C PHE D 196 -36.00 -7.97 -5.90
N LYS D 197 -35.48 -6.76 -6.05
CA LYS D 197 -35.03 -6.24 -7.33
C LYS D 197 -33.54 -6.40 -7.55
N MET D 198 -32.84 -7.12 -6.67
CA MET D 198 -31.39 -7.24 -6.78
C MET D 198 -30.98 -8.11 -7.97
N LEU D 199 -31.69 -9.22 -8.20
CA LEU D 199 -31.22 -10.24 -9.12
C LEU D 199 -31.84 -10.17 -10.51
N ASP D 200 -32.95 -9.47 -10.69
CA ASP D 200 -33.60 -9.41 -12.00
C ASP D 200 -32.70 -8.68 -12.98
N ASN D 201 -31.96 -9.43 -13.77
CA ASN D 201 -31.12 -8.88 -14.83
C ASN D 201 -31.59 -9.45 -16.16
N PRO D 202 -32.18 -8.64 -17.04
CA PRO D 202 -32.68 -9.18 -18.32
C PRO D 202 -31.60 -9.81 -19.18
N ALA D 203 -30.33 -9.43 -18.99
CA ALA D 203 -29.25 -10.04 -19.76
C ALA D 203 -29.08 -11.50 -19.39
N VAL D 204 -29.22 -11.84 -18.11
CA VAL D 204 -29.06 -13.22 -17.67
C VAL D 204 -30.16 -14.09 -18.25
N ASP D 205 -31.40 -13.59 -18.26
CA ASP D 205 -32.51 -14.35 -18.81
C ASP D 205 -32.35 -14.55 -20.31
N ALA D 206 -31.80 -13.56 -21.01
CA ALA D 206 -31.58 -13.69 -22.45
C ALA D 206 -30.42 -14.64 -22.75
N ALA D 207 -29.44 -14.72 -21.85
CA ALA D 207 -28.34 -15.65 -22.07
C ALA D 207 -28.78 -17.10 -21.87
N VAL D 208 -29.64 -17.33 -20.89
CA VAL D 208 -30.10 -18.69 -20.61
C VAL D 208 -30.99 -19.20 -21.74
N GLU D 209 -31.90 -18.35 -22.24
CA GLU D 209 -32.79 -18.78 -23.31
C GLU D 209 -32.03 -19.07 -24.60
N GLN D 210 -30.88 -18.42 -24.80
CA GLN D 210 -30.05 -18.74 -25.95
C GLN D 210 -29.25 -20.02 -25.72
N PHE D 211 -28.82 -20.26 -24.47
CA PHE D 211 -28.16 -21.51 -24.14
C PHE D 211 -29.08 -22.69 -24.37
N GLN D 212 -30.34 -22.59 -23.93
CA GLN D 212 -31.28 -23.68 -24.10
C GLN D 212 -31.69 -23.86 -25.57
N SER D 213 -31.69 -22.76 -26.34
CA SER D 213 -32.03 -22.87 -27.76
C SER D 213 -30.94 -23.60 -28.53
N ASP D 214 -29.68 -23.33 -28.22
CA ASP D 214 -28.58 -24.04 -28.86
C ASP D 214 -28.55 -25.51 -28.43
N TRP D 215 -28.88 -25.78 -27.16
CA TRP D 215 -28.85 -27.14 -26.66
C TRP D 215 -29.90 -28.02 -27.34
N LYS D 216 -31.09 -27.46 -27.57
CA LYS D 216 -32.14 -28.23 -28.25
C LYS D 216 -31.81 -28.48 -29.70
N ALA D 217 -31.12 -27.53 -30.37
CA ALA D 217 -30.82 -27.70 -31.78
C ALA D 217 -29.77 -28.78 -32.02
N ALA D 218 -28.93 -29.06 -31.02
CA ALA D 218 -27.86 -30.04 -31.17
C ALA D 218 -28.18 -31.38 -30.52
N TYR D 219 -29.06 -31.41 -29.53
CA TYR D 219 -29.39 -32.65 -28.83
C TYR D 219 -30.85 -33.05 -28.93
N GLY D 220 -31.74 -32.15 -29.36
CA GLY D 220 -33.14 -32.46 -29.49
C GLY D 220 -33.93 -32.47 -28.19
N ARG D 221 -33.29 -32.18 -27.07
CA ARG D 221 -33.95 -32.19 -25.77
C ARG D 221 -33.28 -31.17 -24.87
N LEU D 222 -33.73 -31.12 -23.61
CA LEU D 222 -33.13 -30.31 -22.56
C LEU D 222 -32.49 -31.19 -21.49
N ASP D 223 -32.16 -32.43 -21.82
CA ASP D 223 -31.56 -33.36 -20.89
C ASP D 223 -30.04 -33.30 -20.95
N ILE D 224 -29.41 -33.76 -19.87
CA ILE D 224 -27.96 -33.73 -19.76
C ILE D 224 -27.48 -34.85 -18.85
N GLY E 3 0.13 -22.03 -8.38
CA GLY E 3 0.05 -23.43 -8.75
C GLY E 3 0.08 -23.66 -10.24
N GLY E 4 0.24 -22.57 -11.00
CA GLY E 4 0.30 -22.67 -12.44
C GLY E 4 -1.01 -22.98 -13.12
N MET E 5 -2.14 -22.90 -12.40
CA MET E 5 -3.45 -23.17 -12.97
C MET E 5 -4.14 -21.83 -13.24
N LYS E 6 -3.79 -21.24 -14.38
CA LYS E 6 -4.23 -19.89 -14.72
C LYS E 6 -4.94 -19.81 -16.06
N ILE E 7 -4.39 -20.41 -17.11
CA ILE E 7 -4.92 -20.28 -18.46
C ILE E 7 -5.79 -21.49 -18.76
N TYR E 8 -7.10 -21.29 -18.82
CA TYR E 8 -8.05 -22.31 -19.22
C TYR E 8 -8.51 -22.08 -20.65
N ILE E 9 -8.96 -23.14 -21.30
CA ILE E 9 -9.40 -23.10 -22.69
C ILE E 9 -10.90 -23.36 -22.72
N ASP E 10 -11.62 -22.60 -23.54
CA ASP E 10 -13.07 -22.64 -23.61
C ASP E 10 -13.48 -23.30 -24.92
N THR E 11 -13.60 -24.62 -24.90
CA THR E 11 -13.99 -25.36 -26.09
C THR E 11 -14.48 -26.75 -25.68
N ALA E 12 -15.18 -27.40 -26.60
CA ALA E 12 -15.52 -28.81 -26.48
C ALA E 12 -14.85 -29.64 -27.56
N ASP E 13 -13.97 -29.04 -28.36
CA ASP E 13 -13.28 -29.71 -29.44
C ASP E 13 -12.04 -30.42 -28.90
N VAL E 14 -12.03 -31.75 -28.99
CA VAL E 14 -10.92 -32.53 -28.43
C VAL E 14 -9.62 -32.20 -29.17
N ASN E 15 -9.67 -32.10 -30.49
CA ASN E 15 -8.47 -31.81 -31.26
C ASN E 15 -7.86 -30.48 -30.87
N GLU E 16 -8.70 -29.47 -30.59
CA GLU E 16 -8.18 -28.18 -30.16
C GLU E 16 -7.53 -28.27 -28.78
N VAL E 17 -8.03 -29.15 -27.91
CA VAL E 17 -7.43 -29.31 -26.60
C VAL E 17 -6.06 -29.96 -26.70
N LYS E 18 -5.94 -30.99 -27.55
CA LYS E 18 -4.66 -31.67 -27.71
C LYS E 18 -3.62 -30.75 -28.34
N THR E 19 -4.02 -29.98 -29.37
CA THR E 19 -3.06 -29.13 -30.07
C THR E 19 -2.53 -28.02 -29.18
N LEU E 20 -3.42 -27.38 -28.42
CA LEU E 20 -3.00 -26.23 -27.61
C LEU E 20 -2.18 -26.66 -26.40
N VAL E 21 -2.58 -27.75 -25.74
CA VAL E 21 -1.87 -28.20 -24.55
C VAL E 21 -0.48 -28.72 -24.85
N SER E 22 -0.16 -28.97 -26.12
CA SER E 22 1.16 -29.48 -26.46
C SER E 22 2.22 -28.39 -26.38
N TYR E 23 1.84 -27.12 -26.57
CA TYR E 23 2.79 -26.02 -26.52
C TYR E 23 2.37 -24.90 -25.58
N LEU E 24 1.20 -24.97 -24.97
CA LEU E 24 0.76 -23.94 -24.04
C LEU E 24 0.49 -24.53 -22.66
N PRO E 25 0.77 -23.77 -21.60
CA PRO E 25 0.45 -24.24 -20.23
C PRO E 25 -1.04 -24.14 -19.92
N ILE E 26 -1.80 -25.07 -20.50
CA ILE E 26 -3.25 -25.08 -20.32
C ILE E 26 -3.57 -25.71 -18.96
N ALA E 27 -4.39 -25.03 -18.17
CA ALA E 27 -4.77 -25.49 -16.84
C ALA E 27 -5.99 -26.39 -16.85
N GLY E 28 -6.87 -26.24 -17.84
CA GLY E 28 -8.09 -27.04 -17.86
C GLY E 28 -8.96 -26.63 -19.04
N VAL E 29 -10.20 -27.10 -18.99
CA VAL E 29 -11.16 -26.90 -20.08
C VAL E 29 -12.47 -26.43 -19.50
N THR E 30 -13.06 -25.40 -20.11
CA THR E 30 -14.37 -24.90 -19.72
C THR E 30 -15.34 -25.06 -20.89
N THR E 31 -16.61 -25.33 -20.56
CA THR E 31 -17.65 -25.48 -21.56
C THR E 31 -18.91 -24.74 -21.09
N ASN E 32 -19.73 -24.36 -22.06
CA ASN E 32 -21.05 -23.80 -21.84
C ASN E 32 -22.01 -24.46 -22.82
N PRO E 33 -23.32 -24.36 -22.60
CA PRO E 33 -24.27 -25.02 -23.51
C PRO E 33 -24.07 -24.68 -24.98
N THR E 34 -23.71 -23.44 -25.30
CA THR E 34 -23.47 -23.07 -26.69
C THR E 34 -22.21 -23.75 -27.23
N ILE E 35 -21.14 -23.74 -26.43
CA ILE E 35 -19.89 -24.36 -26.86
C ILE E 35 -20.08 -25.88 -26.99
N ALA E 36 -20.74 -26.49 -26.01
CA ALA E 36 -20.92 -27.94 -26.04
C ALA E 36 -21.82 -28.36 -27.20
N ALA E 37 -22.84 -27.55 -27.50
CA ALA E 37 -23.72 -27.82 -28.64
C ALA E 37 -22.99 -27.69 -29.98
N LYS E 38 -21.92 -26.89 -30.04
CA LYS E 38 -21.16 -26.76 -31.28
C LYS E 38 -20.52 -28.10 -31.66
N SER E 39 -20.00 -28.82 -30.66
CA SER E 39 -19.48 -30.16 -30.89
C SER E 39 -20.60 -31.19 -30.95
N ALA E 40 -21.69 -30.95 -30.20
CA ALA E 40 -22.90 -31.75 -30.23
C ALA E 40 -22.68 -33.20 -29.78
N VAL E 41 -21.63 -33.45 -29.00
CA VAL E 41 -21.39 -34.75 -28.40
C VAL E 41 -21.83 -34.70 -26.94
N LYS E 42 -22.53 -35.74 -26.49
CA LYS E 42 -23.12 -35.76 -25.16
C LYS E 42 -22.07 -35.54 -24.09
N MET E 43 -22.50 -34.92 -22.98
CA MET E 43 -21.57 -34.53 -21.92
C MET E 43 -20.93 -35.74 -21.25
N ASP E 44 -21.72 -36.79 -21.00
CA ASP E 44 -21.18 -37.98 -20.36
C ASP E 44 -20.14 -38.70 -21.21
N VAL E 45 -20.03 -38.34 -22.50
CA VAL E 45 -19.03 -38.92 -23.38
C VAL E 45 -17.89 -37.94 -23.64
N VAL E 46 -18.20 -36.66 -23.83
CA VAL E 46 -17.16 -35.70 -24.20
C VAL E 46 -16.29 -35.31 -23.01
N LEU E 47 -16.84 -35.35 -21.79
CA LEU E 47 -16.04 -34.98 -20.63
C LEU E 47 -14.89 -35.95 -20.38
N PRO E 48 -15.08 -37.27 -20.44
CA PRO E 48 -13.90 -38.15 -20.36
C PRO E 48 -12.91 -37.94 -21.50
N GLN E 49 -13.39 -37.57 -22.68
CA GLN E 49 -12.48 -37.32 -23.79
C GLN E 49 -11.66 -36.04 -23.55
N LEU E 50 -12.28 -35.00 -22.99
CA LEU E 50 -11.55 -33.78 -22.69
C LEU E 50 -10.54 -33.98 -21.58
N ARG E 51 -10.84 -34.85 -20.61
CA ARG E 51 -9.87 -35.17 -19.57
C ARG E 51 -8.65 -35.87 -20.16
N GLU E 52 -8.87 -36.84 -21.06
CA GLU E 52 -7.76 -37.51 -21.71
C GLU E 52 -6.96 -36.55 -22.59
N ALA E 53 -7.66 -35.70 -23.34
CA ALA E 53 -6.96 -34.77 -24.23
C ALA E 53 -6.17 -33.74 -23.45
N LEU E 54 -6.59 -33.41 -22.23
CA LEU E 54 -5.88 -32.41 -21.44
C LEU E 54 -4.51 -32.91 -21.01
N GLY E 55 -4.39 -34.20 -20.69
CA GLY E 55 -3.13 -34.79 -20.32
C GLY E 55 -2.81 -34.76 -18.83
N HIS E 56 -3.57 -34.00 -18.05
CA HIS E 56 -3.37 -33.93 -16.60
C HIS E 56 -4.74 -33.77 -15.93
N ASP E 57 -4.73 -33.80 -14.60
CA ASP E 57 -5.96 -33.77 -13.80
C ASP E 57 -6.46 -32.34 -13.56
N GLY E 58 -6.37 -31.47 -14.55
CA GLY E 58 -6.86 -30.12 -14.40
C GLY E 58 -8.37 -30.07 -14.27
N LEU E 59 -8.86 -28.93 -13.80
CA LEU E 59 -10.29 -28.77 -13.56
C LEU E 59 -11.06 -28.73 -14.88
N LEU E 60 -12.24 -29.33 -14.87
CA LEU E 60 -13.18 -29.27 -15.98
C LEU E 60 -14.44 -28.55 -15.52
N PHE E 61 -15.11 -27.87 -16.45
CA PHE E 61 -16.26 -27.04 -16.13
C PHE E 61 -17.40 -27.37 -17.08
N ALA E 62 -18.54 -27.77 -16.52
CA ALA E 62 -19.76 -28.01 -17.26
C ALA E 62 -20.89 -27.20 -16.65
N GLN E 63 -21.88 -26.88 -17.48
CA GLN E 63 -22.97 -25.99 -17.08
C GLN E 63 -24.30 -26.72 -17.13
N VAL E 64 -25.17 -26.42 -16.17
CA VAL E 64 -26.53 -26.97 -16.13
C VAL E 64 -27.36 -26.31 -17.22
N ILE E 65 -28.53 -26.87 -17.50
CA ILE E 65 -29.37 -26.43 -18.60
C ILE E 65 -30.75 -25.97 -18.12
N SER E 66 -31.31 -26.63 -17.11
CA SER E 66 -32.68 -26.39 -16.70
C SER E 66 -32.83 -25.01 -16.04
N ASN E 67 -34.08 -24.55 -15.99
CA ASN E 67 -34.42 -23.31 -15.31
C ASN E 67 -34.90 -23.54 -13.88
N ASP E 68 -35.28 -24.77 -13.53
CA ASP E 68 -35.78 -25.09 -12.21
C ASP E 68 -34.62 -25.40 -11.27
N ALA E 69 -34.69 -24.88 -10.05
CA ALA E 69 -33.61 -25.07 -9.09
C ALA E 69 -33.43 -26.55 -8.74
N ALA E 70 -34.53 -27.26 -8.53
CA ALA E 70 -34.44 -28.68 -8.19
C ALA E 70 -33.82 -29.48 -9.33
N GLU E 71 -34.11 -29.10 -10.57
CA GLU E 71 -33.53 -29.82 -11.70
C GLU E 71 -32.05 -29.48 -11.87
N MET E 72 -31.66 -28.24 -11.59
CA MET E 72 -30.25 -27.88 -11.66
C MET E 72 -29.42 -28.70 -10.68
N ILE E 73 -29.96 -28.96 -9.49
CA ILE E 73 -29.24 -29.77 -8.50
C ILE E 73 -29.09 -31.19 -9.00
N GLU E 74 -30.13 -31.74 -9.62
CA GLU E 74 -30.03 -33.08 -10.19
C GLU E 74 -29.04 -33.11 -11.34
N GLU E 75 -29.07 -32.10 -12.20
CA GLU E 75 -28.12 -32.04 -13.32
C GLU E 75 -26.70 -31.80 -12.82
N ALA E 76 -26.55 -31.07 -11.71
CA ALA E 76 -25.21 -30.82 -11.17
C ALA E 76 -24.61 -32.10 -10.60
N LYS E 77 -25.42 -32.94 -9.96
CA LYS E 77 -24.91 -34.20 -9.42
C LYS E 77 -24.55 -35.17 -10.52
N ARG E 78 -25.30 -35.16 -11.64
CA ARG E 78 -24.97 -36.04 -12.75
C ARG E 78 -23.69 -35.58 -13.45
N LEU E 79 -23.54 -34.27 -13.65
CA LEU E 79 -22.31 -33.75 -14.27
C LEU E 79 -21.10 -34.06 -13.42
N HIS E 80 -21.25 -34.01 -12.09
CA HIS E 80 -20.11 -34.26 -11.21
C HIS E 80 -19.64 -35.70 -11.30
N GLY E 81 -20.53 -36.62 -11.64
CA GLY E 81 -20.22 -38.04 -11.78
C GLY E 81 -19.69 -38.46 -13.13
N TYR E 82 -19.70 -37.57 -14.13
CA TYR E 82 -19.23 -37.93 -15.45
C TYR E 82 -17.70 -38.02 -15.51
N VAL E 83 -17.01 -37.11 -14.81
CA VAL E 83 -15.56 -37.12 -14.74
C VAL E 83 -15.13 -36.67 -13.34
N ASP E 84 -13.83 -36.68 -13.09
CA ASP E 84 -13.26 -36.22 -11.85
C ASP E 84 -12.78 -34.77 -12.00
N ASN E 85 -12.75 -34.06 -10.88
CA ASN E 85 -12.31 -32.66 -10.84
C ASN E 85 -13.14 -31.80 -11.79
N LEU E 86 -14.46 -31.92 -11.68
CA LEU E 86 -15.39 -31.12 -12.48
C LEU E 86 -16.13 -30.15 -11.56
N ILE E 87 -16.23 -28.90 -11.99
CA ILE E 87 -16.95 -27.86 -11.27
C ILE E 87 -18.18 -27.48 -12.09
N VAL E 88 -19.35 -27.48 -11.45
CA VAL E 88 -20.60 -27.24 -12.14
C VAL E 88 -20.83 -25.74 -12.27
N LYS E 89 -21.03 -25.28 -13.50
CA LYS E 89 -21.33 -23.87 -13.77
C LYS E 89 -22.83 -23.64 -13.67
N ILE E 90 -23.22 -22.67 -12.86
CA ILE E 90 -24.63 -22.37 -12.64
C ILE E 90 -24.88 -20.88 -12.90
N PRO E 91 -25.88 -20.53 -13.70
CA PRO E 91 -26.17 -19.11 -13.92
C PRO E 91 -26.64 -18.44 -12.64
N VAL E 92 -26.21 -17.20 -12.44
CA VAL E 92 -26.50 -16.46 -11.20
C VAL E 92 -27.83 -15.75 -11.42
N ASN E 93 -28.92 -16.49 -11.24
CA ASN E 93 -30.25 -15.91 -11.18
C ASN E 93 -30.94 -16.35 -9.91
N LYS E 94 -32.26 -16.13 -9.83
CA LYS E 94 -32.99 -16.47 -8.62
C LYS E 94 -33.01 -17.98 -8.37
N GLU E 95 -33.35 -18.74 -9.42
CA GLU E 95 -33.35 -20.20 -9.27
C GLU E 95 -31.94 -20.75 -9.15
N GLY E 96 -30.99 -20.15 -9.87
CA GLY E 96 -29.61 -20.59 -9.77
C GLY E 96 -29.00 -20.37 -8.40
N LEU E 97 -29.43 -19.29 -7.71
CA LEU E 97 -28.91 -19.03 -6.38
C LEU E 97 -29.47 -20.02 -5.36
N LYS E 98 -30.66 -20.57 -5.63
CA LYS E 98 -31.16 -21.68 -4.81
C LYS E 98 -30.25 -22.89 -4.94
N ALA E 99 -29.89 -23.24 -6.18
CA ALA E 99 -29.05 -24.41 -6.40
C ALA E 99 -27.67 -24.23 -5.80
N ILE E 100 -27.11 -23.02 -5.87
CA ILE E 100 -25.84 -22.76 -5.24
C ILE E 100 -25.96 -22.86 -3.72
N LYS E 101 -27.09 -22.40 -3.17
CA LYS E 101 -27.31 -22.52 -1.73
C LYS E 101 -27.44 -23.97 -1.30
N ALA E 102 -28.10 -24.80 -2.12
CA ALA E 102 -28.30 -26.19 -1.75
C ALA E 102 -27.03 -27.01 -1.93
N LEU E 103 -26.21 -26.67 -2.92
CA LEU E 103 -24.98 -27.40 -3.16
C LEU E 103 -23.83 -26.97 -2.27
N LYS E 104 -23.99 -25.90 -1.50
CA LYS E 104 -22.94 -25.51 -0.55
C LYS E 104 -22.79 -26.56 0.53
N GLY E 105 -21.54 -26.86 0.89
CA GLY E 105 -21.22 -27.91 1.82
C GLY E 105 -20.95 -29.25 1.18
N THR E 106 -21.63 -29.56 0.07
CA THR E 106 -21.36 -30.79 -0.65
C THR E 106 -20.03 -30.70 -1.38
N ASN E 107 -19.56 -31.84 -1.89
CA ASN E 107 -18.35 -31.88 -2.67
C ASN E 107 -18.54 -31.36 -4.09
N ILE E 108 -19.75 -30.92 -4.43
CA ILE E 108 -20.05 -30.46 -5.79
C ILE E 108 -19.74 -28.96 -5.82
N ARG E 109 -18.48 -28.65 -6.10
CA ARG E 109 -18.06 -27.25 -6.21
C ARG E 109 -18.75 -26.60 -7.40
N THR E 110 -19.18 -25.35 -7.20
CA THR E 110 -19.99 -24.65 -8.19
C THR E 110 -19.31 -23.36 -8.63
N LEU E 111 -19.62 -22.96 -9.87
CA LEU E 111 -19.15 -21.71 -10.44
C LEU E 111 -20.36 -20.87 -10.83
N GLY E 112 -20.39 -19.62 -10.38
CA GLY E 112 -21.44 -18.71 -10.77
C GLY E 112 -21.16 -18.04 -12.11
N THR E 113 -21.86 -18.46 -13.15
CA THR E 113 -21.63 -17.97 -14.50
C THR E 113 -22.76 -17.01 -14.89
N ALA E 114 -22.65 -16.49 -16.12
CA ALA E 114 -23.58 -15.49 -16.65
C ALA E 114 -23.66 -14.27 -15.74
N VAL E 115 -22.51 -13.83 -15.25
CA VAL E 115 -22.42 -12.68 -14.35
C VAL E 115 -22.21 -11.43 -15.20
N TYR E 116 -23.11 -10.45 -15.04
CA TYR E 116 -23.03 -9.19 -15.76
C TYR E 116 -22.76 -8.00 -14.87
N ASN E 117 -22.85 -8.15 -13.54
CA ASN E 117 -22.52 -7.07 -12.63
C ASN E 117 -21.94 -7.65 -11.35
N ALA E 118 -21.29 -6.79 -10.57
CA ALA E 118 -20.67 -7.24 -9.33
C ALA E 118 -21.70 -7.63 -8.27
N THR E 119 -22.96 -7.24 -8.45
CA THR E 119 -23.99 -7.59 -7.48
C THR E 119 -24.25 -9.10 -7.47
N GLN E 120 -24.56 -9.66 -8.65
CA GLN E 120 -24.83 -11.10 -8.71
C GLN E 120 -23.58 -11.92 -8.42
N GLY E 121 -22.41 -11.41 -8.76
CA GLY E 121 -21.17 -12.13 -8.44
C GLY E 121 -20.93 -12.21 -6.94
N LEU E 122 -21.15 -11.10 -6.23
CA LEU E 122 -20.97 -11.11 -4.79
C LEU E 122 -22.00 -12.02 -4.11
N LEU E 123 -23.25 -11.98 -4.57
CA LEU E 123 -24.28 -12.83 -3.99
C LEU E 123 -23.98 -14.30 -4.22
N ALA E 124 -23.40 -14.63 -5.39
CA ALA E 124 -23.04 -16.01 -5.68
C ALA E 124 -21.92 -16.49 -4.77
N GLY E 125 -20.91 -15.63 -4.53
CA GLY E 125 -19.84 -16.01 -3.61
C GLY E 125 -20.32 -16.21 -2.20
N LEU E 126 -21.22 -15.35 -1.73
CA LEU E 126 -21.76 -15.48 -0.38
C LEU E 126 -22.67 -16.71 -0.28
N ALA E 127 -23.26 -17.14 -1.39
CA ALA E 127 -24.14 -18.30 -1.37
C ALA E 127 -23.36 -19.62 -1.31
N GLY E 128 -22.07 -19.61 -1.64
CA GLY E 128 -21.26 -20.80 -1.51
C GLY E 128 -20.56 -21.23 -2.79
N ALA E 129 -20.50 -20.35 -3.77
CA ALA E 129 -19.85 -20.66 -5.03
C ALA E 129 -18.35 -20.49 -4.91
N GLU E 130 -17.59 -21.40 -5.52
CA GLU E 130 -16.14 -21.33 -5.47
C GLU E 130 -15.58 -20.33 -6.48
N PHE E 131 -16.25 -20.15 -7.61
CA PHE E 131 -15.83 -19.19 -8.63
C PHE E 131 -17.03 -18.40 -9.10
N VAL E 132 -16.75 -17.23 -9.67
CA VAL E 132 -17.75 -16.41 -10.35
C VAL E 132 -17.14 -15.94 -11.66
N ALA E 133 -17.89 -16.06 -12.75
CA ALA E 133 -17.37 -15.80 -14.09
C ALA E 133 -18.13 -14.66 -14.75
N PRO E 134 -17.59 -13.44 -14.75
CA PRO E 134 -18.23 -12.34 -15.49
C PRO E 134 -17.88 -12.42 -16.97
N TYR E 135 -18.86 -12.05 -17.80
CA TYR E 135 -18.69 -12.03 -19.26
C TYR E 135 -18.13 -10.68 -19.66
N VAL E 136 -16.79 -10.60 -19.72
CA VAL E 136 -16.12 -9.31 -19.89
C VAL E 136 -16.55 -8.64 -21.19
N ASN E 137 -16.49 -9.38 -22.31
CA ASN E 137 -16.80 -8.77 -23.59
C ASN E 137 -18.30 -8.48 -23.73
N ARG E 138 -19.15 -9.29 -23.11
CA ARG E 138 -20.58 -9.01 -23.15
C ARG E 138 -20.93 -7.80 -22.28
N ILE E 139 -20.22 -7.63 -21.15
CA ILE E 139 -20.41 -6.45 -20.33
C ILE E 139 -19.93 -5.20 -21.07
N ASP E 140 -18.80 -5.32 -21.79
CA ASP E 140 -18.33 -4.22 -22.63
C ASP E 140 -19.35 -3.85 -23.69
N MET E 141 -20.15 -4.82 -24.13
CA MET E 141 -21.21 -4.54 -25.10
C MET E 141 -22.37 -3.80 -24.46
N LEU E 142 -22.78 -4.23 -23.27
CA LEU E 142 -24.04 -3.72 -22.71
C LEU E 142 -23.83 -2.41 -21.94
N SER E 143 -22.74 -2.31 -21.20
CA SER E 143 -22.49 -1.16 -20.34
C SER E 143 -21.09 -0.59 -20.44
N GLY E 144 -20.17 -1.26 -21.13
CA GLY E 144 -18.85 -0.70 -21.37
C GLY E 144 -17.94 -0.60 -20.17
N ASN E 145 -18.17 -1.42 -19.14
CA ASN E 145 -17.35 -1.41 -17.94
C ASN E 145 -16.98 -2.83 -17.54
N GLY E 146 -16.44 -3.59 -18.49
CA GLY E 146 -16.10 -4.97 -18.20
C GLY E 146 -14.98 -5.12 -17.20
N ILE E 147 -13.87 -4.41 -17.43
CA ILE E 147 -12.73 -4.50 -16.52
C ILE E 147 -13.06 -3.90 -15.17
N GLN E 148 -13.79 -2.78 -15.15
CA GLN E 148 -14.18 -2.17 -13.89
C GLN E 148 -15.06 -3.10 -13.06
N THR E 149 -15.98 -3.81 -13.73
CA THR E 149 -16.82 -4.79 -13.03
C THR E 149 -15.96 -5.89 -12.43
N VAL E 150 -14.97 -6.37 -13.18
CA VAL E 150 -14.09 -7.42 -12.67
C VAL E 150 -13.25 -6.92 -11.50
N GLN E 151 -12.73 -5.70 -11.60
CA GLN E 151 -11.90 -5.16 -10.53
C GLN E 151 -12.70 -4.95 -9.24
N SER E 152 -13.93 -4.46 -9.38
CA SER E 152 -14.77 -4.27 -8.20
C SER E 152 -15.16 -5.61 -7.58
N LEU E 153 -15.56 -6.58 -8.42
CA LEU E 153 -15.98 -7.87 -7.90
C LEU E 153 -14.84 -8.59 -7.20
N ALA E 154 -13.62 -8.48 -7.75
CA ALA E 154 -12.47 -9.14 -7.12
C ALA E 154 -12.19 -8.54 -5.76
N LYS E 155 -12.25 -7.21 -5.64
CA LYS E 155 -12.00 -6.57 -4.36
C LYS E 155 -13.09 -6.90 -3.35
N LEU E 156 -14.35 -6.93 -3.80
CA LEU E 156 -15.45 -7.26 -2.90
C LEU E 156 -15.32 -8.67 -2.35
N LEU E 157 -14.94 -9.63 -3.20
CA LEU E 157 -14.76 -11.00 -2.74
C LEU E 157 -13.59 -11.12 -1.78
N ALA E 158 -12.48 -10.45 -2.09
CA ALA E 158 -11.31 -10.52 -1.21
C ALA E 158 -11.61 -9.97 0.18
N LEU E 159 -12.60 -9.09 0.28
CA LEU E 159 -12.95 -8.46 1.55
C LEU E 159 -14.06 -9.19 2.29
N HIS E 160 -15.04 -9.75 1.56
CA HIS E 160 -16.26 -10.24 2.18
C HIS E 160 -16.57 -11.71 1.91
N ALA E 161 -15.98 -12.31 0.87
CA ALA E 161 -16.17 -13.74 0.59
C ALA E 161 -14.90 -14.30 -0.01
N PRO E 162 -13.85 -14.46 0.81
CA PRO E 162 -12.53 -14.83 0.25
C PRO E 162 -12.48 -16.24 -0.32
N HIS E 163 -13.42 -17.11 0.02
CA HIS E 163 -13.41 -18.46 -0.54
C HIS E 163 -13.77 -18.47 -2.01
N CYS E 164 -14.38 -17.40 -2.52
CA CYS E 164 -14.75 -17.30 -3.92
C CYS E 164 -13.77 -16.40 -4.67
N LYS E 165 -13.45 -16.78 -5.90
CA LYS E 165 -12.54 -16.03 -6.74
C LYS E 165 -13.21 -15.70 -8.07
N VAL E 166 -12.67 -14.69 -8.74
CA VAL E 166 -13.19 -14.26 -10.04
C VAL E 166 -12.50 -15.08 -11.13
N PHE E 167 -13.30 -15.60 -12.05
CA PHE E 167 -12.83 -16.42 -13.16
C PHE E 167 -13.17 -15.69 -14.45
N GLY E 168 -12.18 -15.04 -15.06
CA GLY E 168 -12.44 -14.24 -16.24
C GLY E 168 -12.92 -15.10 -17.40
N ALA E 169 -13.88 -14.56 -18.15
CA ALA E 169 -14.44 -15.27 -19.29
C ALA E 169 -14.87 -14.26 -20.34
N SER E 170 -15.22 -14.77 -21.52
CA SER E 170 -15.71 -13.96 -22.64
C SER E 170 -14.68 -12.91 -23.07
N PHE E 171 -13.73 -13.30 -23.92
CA PHE E 171 -12.67 -12.41 -24.36
C PHE E 171 -12.62 -12.34 -25.88
N LYS E 172 -12.19 -11.18 -26.38
CA LYS E 172 -12.02 -10.98 -27.81
C LYS E 172 -10.62 -10.52 -28.21
N ASN E 173 -9.75 -10.19 -27.25
CA ASN E 173 -8.38 -9.82 -27.57
C ASN E 173 -7.50 -10.09 -26.34
N ASN E 174 -6.19 -10.00 -26.54
CA ASN E 174 -5.24 -10.37 -25.49
C ASN E 174 -5.30 -9.40 -24.32
N GLN E 175 -5.47 -8.10 -24.59
CA GLN E 175 -5.39 -7.11 -23.53
C GLN E 175 -6.54 -7.26 -22.52
N GLN E 176 -7.71 -7.69 -22.98
CA GLN E 176 -8.79 -8.00 -22.04
C GLN E 176 -8.37 -9.10 -21.07
N VAL E 177 -7.66 -10.11 -21.57
CA VAL E 177 -7.22 -11.21 -20.73
C VAL E 177 -6.20 -10.72 -19.70
N LEU E 178 -5.23 -9.94 -20.15
CA LEU E 178 -4.18 -9.48 -19.25
C LEU E 178 -4.71 -8.48 -18.22
N ASP E 179 -5.68 -7.66 -18.60
CA ASP E 179 -6.26 -6.71 -17.66
C ASP E 179 -7.02 -7.43 -16.55
N CYS E 180 -7.76 -8.48 -16.89
CA CYS E 180 -8.47 -9.25 -15.87
C CYS E 180 -7.50 -9.86 -14.87
N LEU E 181 -6.46 -10.53 -15.36
CA LEU E 181 -5.46 -11.09 -14.47
C LEU E 181 -4.72 -10.02 -13.67
N GLN E 182 -4.73 -8.78 -14.15
CA GLN E 182 -4.04 -7.69 -13.47
C GLN E 182 -4.90 -7.03 -12.40
N VAL E 183 -6.22 -7.13 -12.49
CA VAL E 183 -7.10 -6.46 -11.53
C VAL E 183 -7.63 -7.41 -10.47
N GLY E 184 -7.19 -8.67 -10.47
CA GLY E 184 -7.54 -9.56 -9.37
C GLY E 184 -8.16 -10.88 -9.73
N CYS E 185 -8.23 -11.20 -11.03
CA CYS E 185 -8.73 -12.50 -11.44
C CYS E 185 -7.80 -13.61 -10.98
N GLU E 186 -8.39 -14.73 -10.55
CA GLU E 186 -7.59 -15.89 -10.19
C GLU E 186 -7.12 -16.65 -11.43
N CYS E 187 -8.00 -16.76 -12.43
CA CYS E 187 -7.69 -17.49 -13.66
C CYS E 187 -8.62 -16.99 -14.75
N VAL E 188 -8.29 -17.35 -15.99
CA VAL E 188 -9.07 -16.95 -17.15
C VAL E 188 -9.28 -18.15 -18.05
N THR E 189 -10.40 -18.12 -18.78
CA THR E 189 -10.70 -19.10 -19.83
C THR E 189 -10.92 -18.35 -21.13
N ILE E 190 -10.21 -18.77 -22.18
CA ILE E 190 -10.23 -18.05 -23.45
C ILE E 190 -10.78 -18.96 -24.54
N PRO E 191 -11.45 -18.42 -25.55
CA PRO E 191 -11.87 -19.25 -26.68
C PRO E 191 -10.67 -19.78 -27.45
N ALA E 192 -10.90 -20.87 -28.19
CA ALA E 192 -9.81 -21.53 -28.90
C ALA E 192 -9.23 -20.64 -29.98
N ASP E 193 -10.07 -19.92 -30.72
CA ASP E 193 -9.58 -19.04 -31.79
C ASP E 193 -8.65 -17.98 -31.24
N LEU E 194 -8.89 -17.50 -30.02
CA LEU E 194 -7.98 -16.51 -29.43
C LEU E 194 -6.68 -17.16 -29.00
N ALA E 195 -6.74 -18.39 -28.48
CA ALA E 195 -5.52 -19.07 -28.03
C ALA E 195 -4.57 -19.36 -29.19
N PHE E 196 -5.12 -19.61 -30.39
CA PHE E 196 -4.28 -19.84 -31.55
C PHE E 196 -3.60 -18.56 -32.05
N LYS E 197 -4.11 -17.40 -31.65
CA LYS E 197 -3.59 -16.12 -32.12
C LYS E 197 -2.76 -15.38 -31.07
N MET E 198 -2.61 -15.94 -29.87
CA MET E 198 -1.91 -15.24 -28.80
C MET E 198 -0.45 -14.97 -29.16
N LEU E 199 0.34 -16.04 -29.31
CA LEU E 199 1.77 -15.89 -29.58
C LEU E 199 2.04 -15.34 -30.97
N ASP E 200 1.04 -15.24 -31.84
CA ASP E 200 1.24 -14.70 -33.19
C ASP E 200 1.70 -13.25 -33.13
N ASN E 201 3.00 -13.05 -33.24
CA ASN E 201 3.60 -11.71 -33.21
C ASN E 201 4.61 -11.59 -34.34
N PRO E 202 4.32 -10.83 -35.39
CA PRO E 202 5.28 -10.74 -36.51
C PRO E 202 6.63 -10.16 -36.12
N ALA E 203 6.68 -9.34 -35.07
CA ALA E 203 7.95 -8.78 -34.64
C ALA E 203 8.88 -9.86 -34.09
N VAL E 204 8.32 -10.83 -33.38
CA VAL E 204 9.13 -11.93 -32.84
C VAL E 204 9.70 -12.77 -33.97
N ASP E 205 8.89 -13.06 -34.99
CA ASP E 205 9.38 -13.84 -36.13
C ASP E 205 10.49 -13.11 -36.86
N ALA E 206 10.36 -11.79 -37.00
CA ALA E 206 11.41 -11.00 -37.65
C ALA E 206 12.68 -10.98 -36.82
N ALA E 207 12.54 -10.94 -35.49
CA ALA E 207 13.73 -10.93 -34.63
C ALA E 207 14.42 -12.29 -34.64
N VAL E 208 13.64 -13.38 -34.64
CA VAL E 208 14.23 -14.71 -34.70
C VAL E 208 14.91 -14.93 -36.05
N GLU E 209 14.27 -14.48 -37.13
CA GLU E 209 14.88 -14.60 -38.45
C GLU E 209 16.18 -13.81 -38.54
N GLN E 210 16.19 -12.60 -37.99
CA GLN E 210 17.42 -11.80 -38.02
C GLN E 210 18.51 -12.43 -37.16
N PHE E 211 18.14 -13.12 -36.08
CA PHE E 211 19.12 -13.78 -35.24
C PHE E 211 19.86 -14.88 -36.00
N GLN E 212 19.11 -15.80 -36.60
CA GLN E 212 19.75 -16.90 -37.32
C GLN E 212 20.37 -16.44 -38.62
N SER E 213 19.86 -15.35 -39.21
CA SER E 213 20.48 -14.82 -40.42
C SER E 213 21.88 -14.29 -40.13
N ASP E 214 22.04 -13.56 -39.02
CA ASP E 214 23.36 -13.10 -38.62
C ASP E 214 24.25 -14.26 -38.20
N TRP E 215 23.65 -15.36 -37.72
CA TRP E 215 24.44 -16.52 -37.34
C TRP E 215 24.99 -17.25 -38.55
N LYS E 216 24.27 -17.22 -39.68
CA LYS E 216 24.77 -17.84 -40.90
C LYS E 216 25.94 -17.05 -41.48
N ALA E 217 25.86 -15.71 -41.41
CA ALA E 217 26.88 -14.88 -42.04
C ALA E 217 28.24 -15.04 -41.36
N ALA E 218 28.25 -15.43 -40.09
CA ALA E 218 29.49 -15.58 -39.33
C ALA E 218 29.99 -17.02 -39.27
N TYR E 219 29.09 -18.00 -39.29
CA TYR E 219 29.48 -19.40 -39.17
C TYR E 219 29.14 -20.25 -40.37
N GLY E 220 28.36 -19.74 -41.33
CA GLY E 220 28.03 -20.52 -42.51
C GLY E 220 27.11 -21.68 -42.25
N ARG E 221 26.47 -21.72 -41.09
CA ARG E 221 25.61 -22.84 -40.71
C ARG E 221 24.76 -22.40 -39.52
N LEU E 222 23.80 -23.25 -39.17
CA LEU E 222 22.93 -23.05 -38.01
C LEU E 222 23.27 -24.04 -36.90
N ASP E 223 24.56 -24.29 -36.72
CA ASP E 223 25.05 -25.23 -35.72
C ASP E 223 25.68 -24.47 -34.56
N ILE E 224 25.58 -25.06 -33.36
CA ILE E 224 26.09 -24.44 -32.15
C ILE E 224 26.76 -25.49 -31.27
#